data_5AH0
#
_entry.id   5AH0
#
_cell.length_a   91.800
_cell.length_b   91.800
_cell.length_c   215.900
_cell.angle_alpha   90.00
_cell.angle_beta   90.00
_cell.angle_gamma   90.00
#
_symmetry.space_group_name_H-M   'P 41 21 2'
#
loop_
_entity.id
_entity.type
_entity.pdbx_description
1 polymer LIPASE
2 non-polymer 'ZINC ION'
3 non-polymer DI(HYDROXYETHYL)ETHER
4 non-polymer 'POTASSIUM ION'
5 water water
#
_entity_poly.entity_id   1
_entity_poly.type   'polypeptide(L)'
_entity_poly.pdbx_seq_one_letter_code
;MNSYPIVLVHGFMGWGRNEVLGLKYWGGITDYEQELSSYGYTAYTATVGPVSSNWDRACELYAYIKGGTVDYGHAHSTQK
GHSRYGRTYPGLYPEWGNLTTEGKVNKIHLVAHSMGGQTVRTLVQLLKEGSEEERNTTPSQLSSLFAGGKSWVHSITTIA
SPHDGTTLADGINIFGDFAKNLVASLASFTGAGEKLIYDFKLDQWGLNRKSGESLTDYTNRVFNSAIWNSTNDLANWDLS
TDGARVLNQWVKAQSDIYYFSYSTCATVPSILTSNELPHVIYMTPLLYPFGRFIGSYTRNEQGRVIIDNSWKPNDGVVNT
ISQNGPKIWSSDKIVNYNGVPQIGKWNSMPLLDTIDHMDACGIGTNALTLSWYKGLAEKLSQLTISN
;
_entity_poly.pdbx_strand_id   A,B
#
# COMPACT_ATOMS: atom_id res chain seq x y z
N MET A 1 21.14 15.72 -13.86
CA MET A 1 20.50 14.63 -13.14
C MET A 1 20.52 13.34 -13.94
N ASN A 2 19.41 13.03 -14.63
CA ASN A 2 19.22 11.75 -15.31
C ASN A 2 17.86 11.69 -15.99
N SER A 3 17.83 11.23 -17.24
CA SER A 3 16.56 11.03 -17.97
C SER A 3 16.46 9.67 -18.68
N TYR A 4 17.34 8.75 -18.33
CA TYR A 4 17.25 7.38 -18.82
C TYR A 4 15.89 6.79 -18.48
N PRO A 5 15.29 6.07 -19.44
CA PRO A 5 14.03 5.40 -19.18
C PRO A 5 14.20 4.19 -18.28
N ILE A 6 13.08 3.71 -17.76
CA ILE A 6 13.04 2.50 -16.95
C ILE A 6 12.47 1.34 -17.75
N VAL A 7 13.16 0.19 -17.71
CA VAL A 7 12.63 -1.02 -18.33
C VAL A 7 12.31 -2.05 -17.26
N LEU A 8 11.07 -2.49 -17.22
CA LEU A 8 10.59 -3.36 -16.15
C LEU A 8 10.68 -4.81 -16.57
N VAL A 9 11.25 -5.64 -15.70
CA VAL A 9 11.56 -7.03 -16.05
C VAL A 9 10.99 -8.00 -15.02
N HIS A 10 9.90 -8.66 -15.39
CA HIS A 10 9.21 -9.64 -14.52
C HIS A 10 10.09 -10.84 -14.17
N GLY A 11 9.67 -11.58 -13.15
CA GLY A 11 10.46 -12.71 -12.69
C GLY A 11 9.90 -14.06 -13.09
N PHE A 12 10.06 -15.03 -12.19
CA PHE A 12 9.57 -16.39 -12.38
C PHE A 12 8.03 -16.44 -12.53
N MET A 13 7.57 -17.04 -13.63
CA MET A 13 6.13 -17.15 -13.97
C MET A 13 5.47 -15.82 -14.28
N GLY A 14 6.28 -14.76 -14.42
CA GLY A 14 5.76 -13.46 -14.81
C GLY A 14 5.15 -13.48 -16.20
N TRP A 15 4.29 -12.50 -16.48
CA TRP A 15 3.53 -12.44 -17.74
C TRP A 15 3.49 -11.03 -18.35
N GLY A 16 3.26 -10.95 -19.66
CA GLY A 16 3.30 -9.68 -20.37
C GLY A 16 1.93 -9.00 -20.44
N ARG A 17 1.93 -7.75 -20.89
CA ARG A 17 0.74 -6.89 -20.83
C ARG A 17 -0.38 -7.39 -21.73
N ASN A 18 -0.02 -8.19 -22.74
CA ASN A 18 -1.00 -8.74 -23.66
C ASN A 18 -1.55 -10.07 -23.16
N GLU A 19 -1.15 -10.45 -21.95
CA GLU A 19 -1.59 -11.67 -21.31
C GLU A 19 -2.34 -11.37 -20.02
N VAL A 20 -3.14 -12.32 -19.55
CA VAL A 20 -3.87 -12.20 -18.29
C VAL A 20 -4.58 -10.88 -18.23
N LEU A 21 -5.60 -10.72 -19.08
CA LEU A 21 -6.39 -9.51 -19.12
C LEU A 21 -6.94 -9.22 -17.73
N GLY A 22 -6.86 -7.96 -17.32
CA GLY A 22 -7.46 -7.57 -16.06
C GLY A 22 -6.50 -7.54 -14.90
N LEU A 23 -5.30 -8.07 -15.09
CA LEU A 23 -4.28 -8.04 -14.03
C LEU A 23 -2.88 -7.82 -14.61
N LYS A 24 -2.34 -6.64 -14.36
CA LYS A 24 -0.96 -6.33 -14.75
C LYS A 24 0.02 -6.94 -13.74
N TYR A 25 1.05 -7.61 -14.24
CA TYR A 25 2.11 -8.09 -13.36
C TYR A 25 2.69 -6.94 -12.54
N TRP A 26 2.91 -5.81 -13.20
CA TRP A 26 3.43 -4.63 -12.51
C TRP A 26 2.28 -3.73 -12.12
N GLY A 27 1.72 -3.98 -10.93
CA GLY A 27 0.71 -3.09 -10.39
C GLY A 27 -0.65 -3.72 -10.13
N GLY A 28 -0.85 -4.96 -10.56
CA GLY A 28 -2.14 -5.61 -10.41
C GLY A 28 -3.17 -4.89 -11.25
N ILE A 29 -4.22 -4.40 -10.58
CA ILE A 29 -5.31 -3.71 -11.26
C ILE A 29 -4.99 -2.23 -11.44
N THR A 30 -3.79 -1.82 -11.06
CA THR A 30 -3.23 -0.52 -11.46
C THR A 30 -2.12 -0.71 -12.51
N ASP A 31 -2.10 0.11 -13.56
CA ASP A 31 -1.05 -0.03 -14.55
C ASP A 31 0.14 0.84 -14.19
N TYR A 32 1.05 0.31 -13.36
CA TYR A 32 2.17 1.11 -12.84
C TYR A 32 3.03 1.69 -13.94
N GLU A 33 3.28 0.88 -14.97
CA GLU A 33 4.09 1.35 -16.09
C GLU A 33 3.50 2.64 -16.68
N GLN A 34 2.22 2.61 -17.02
CA GLN A 34 1.58 3.78 -17.63
C GLN A 34 1.49 4.97 -16.69
N GLU A 35 1.22 4.70 -15.40
CA GLU A 35 1.13 5.77 -14.42
C GLU A 35 2.49 6.45 -14.25
N LEU A 36 3.54 5.64 -14.12
CA LEU A 36 4.89 6.18 -14.05
C LEU A 36 5.17 7.08 -15.26
N SER A 37 4.82 6.61 -16.46
CA SER A 37 5.03 7.42 -17.65
C SER A 37 4.22 8.71 -17.60
N SER A 38 2.99 8.64 -17.06
CA SER A 38 2.15 9.84 -16.92
C SER A 38 2.72 10.83 -15.92
N TYR A 39 3.46 10.33 -14.94
CA TYR A 39 4.15 11.22 -14.01
C TYR A 39 5.40 11.83 -14.63
N GLY A 40 5.79 11.38 -15.82
CA GLY A 40 6.95 11.92 -16.50
C GLY A 40 8.15 11.00 -16.45
N TYR A 41 8.03 9.89 -15.72
CA TYR A 41 9.08 8.89 -15.68
C TYR A 41 8.83 7.80 -16.73
N THR A 42 9.43 7.96 -17.92
CA THR A 42 9.24 6.99 -18.99
C THR A 42 9.57 5.59 -18.53
N ALA A 43 8.60 4.70 -18.63
CA ALA A 43 8.81 3.31 -18.25
C ALA A 43 8.27 2.38 -19.33
N TYR A 44 9.02 1.33 -19.58
CA TYR A 44 8.67 0.32 -20.57
C TYR A 44 8.56 -1.03 -19.87
N THR A 45 7.84 -1.95 -20.49
CA THR A 45 7.66 -3.28 -19.89
C THR A 45 8.15 -4.35 -20.86
N ALA A 46 9.18 -5.08 -20.43
CA ALA A 46 9.74 -6.17 -21.22
C ALA A 46 9.09 -7.49 -20.82
N THR A 47 9.05 -8.42 -21.76
CA THR A 47 8.48 -9.73 -21.50
C THR A 47 9.46 -10.84 -21.89
N VAL A 48 9.69 -11.78 -20.99
CA VAL A 48 10.58 -12.90 -21.27
C VAL A 48 9.90 -14.19 -20.83
N GLY A 49 10.56 -15.31 -21.11
CA GLY A 49 9.98 -16.60 -20.83
C GLY A 49 9.79 -16.74 -19.33
N PRO A 50 8.55 -17.03 -18.90
CA PRO A 50 8.26 -17.14 -17.48
C PRO A 50 9.04 -18.26 -16.82
N VAL A 51 9.47 -19.26 -17.59
CA VAL A 51 10.24 -20.39 -17.03
C VAL A 51 11.51 -20.78 -17.79
N SER A 52 11.94 -19.97 -18.77
CA SER A 52 13.21 -20.21 -19.44
C SER A 52 14.40 -19.95 -18.52
N SER A 53 15.59 -20.27 -19.03
CA SER A 53 16.86 -19.97 -18.38
C SER A 53 17.14 -18.46 -18.36
N ASN A 54 18.05 -18.03 -17.49
CA ASN A 54 18.47 -16.64 -17.47
C ASN A 54 19.18 -16.25 -18.76
N TRP A 55 20.00 -17.15 -19.28
CA TRP A 55 20.65 -16.95 -20.57
C TRP A 55 19.62 -16.71 -21.65
N ASP A 56 18.61 -17.57 -21.71
CA ASP A 56 17.54 -17.41 -22.69
C ASP A 56 16.77 -16.11 -22.47
N ARG A 57 16.43 -15.82 -21.22
CA ARG A 57 15.67 -14.63 -20.91
C ARG A 57 16.50 -13.38 -21.22
N ALA A 58 17.78 -13.43 -20.93
CA ALA A 58 18.66 -12.31 -21.22
C ALA A 58 18.70 -12.01 -22.73
N CYS A 59 18.77 -13.06 -23.55
CA CYS A 59 18.74 -12.89 -25.00
C CYS A 59 17.40 -12.33 -25.48
N GLU A 60 16.31 -12.85 -24.91
CA GLU A 60 14.99 -12.34 -25.23
C GLU A 60 14.86 -10.88 -24.84
N LEU A 61 15.48 -10.53 -23.71
CA LEU A 61 15.42 -9.16 -23.18
C LEU A 61 16.12 -8.18 -24.12
N TYR A 62 17.31 -8.57 -24.59
CA TYR A 62 18.07 -7.72 -25.51
C TYR A 62 17.24 -7.39 -26.75
N ALA A 63 16.69 -8.43 -27.37
CA ALA A 63 15.85 -8.24 -28.54
C ALA A 63 14.59 -7.45 -28.19
N TYR A 64 14.02 -7.71 -27.02
CA TYR A 64 12.74 -7.08 -26.70
C TYR A 64 12.90 -5.58 -26.57
N ILE A 65 13.98 -5.15 -25.95
CA ILE A 65 14.31 -3.74 -25.80
C ILE A 65 14.83 -3.10 -27.09
N LYS A 66 15.96 -3.60 -27.57
CA LYS A 66 16.67 -3.03 -28.71
C LYS A 66 15.89 -3.16 -30.00
N GLY A 67 15.23 -4.30 -30.17
CA GLY A 67 14.53 -4.61 -31.39
C GLY A 67 15.24 -5.74 -32.11
N GLY A 68 14.49 -6.55 -32.84
CA GLY A 68 15.09 -7.59 -33.68
C GLY A 68 14.56 -8.98 -33.42
N THR A 69 15.30 -9.98 -33.87
CA THR A 69 14.93 -11.38 -33.67
C THR A 69 15.82 -11.97 -32.59
N VAL A 70 15.22 -12.77 -31.71
CA VAL A 70 15.93 -13.39 -30.60
C VAL A 70 17.00 -14.38 -31.08
N ASP A 71 18.23 -14.17 -30.59
CA ASP A 71 19.32 -15.07 -30.89
C ASP A 71 19.88 -15.69 -29.62
N TYR A 72 19.53 -16.93 -29.33
CA TYR A 72 20.04 -17.58 -28.13
C TYR A 72 21.53 -17.92 -28.29
N GLY A 73 22.02 -17.86 -29.53
CA GLY A 73 23.44 -18.05 -29.80
C GLY A 73 23.73 -19.34 -30.56
N HIS A 74 24.76 -19.28 -31.41
CA HIS A 74 25.11 -20.44 -32.22
C HIS A 74 25.59 -21.62 -31.35
N ALA A 75 26.55 -21.36 -30.48
CA ALA A 75 27.09 -22.38 -29.59
C ALA A 75 26.07 -22.84 -28.53
N HIS A 76 25.54 -21.90 -27.77
CA HIS A 76 24.60 -22.22 -26.69
C HIS A 76 23.44 -23.09 -27.16
N SER A 77 22.79 -22.68 -28.25
CA SER A 77 21.63 -23.38 -28.78
C SER A 77 21.94 -24.85 -29.03
N THR A 78 23.03 -25.09 -29.76
CA THR A 78 23.43 -26.44 -30.13
C THR A 78 23.74 -27.29 -28.92
N GLN A 79 24.54 -26.74 -28.00
CA GLN A 79 24.93 -27.47 -26.80
C GLN A 79 23.72 -27.86 -25.94
N LYS A 80 22.70 -27.03 -25.93
CA LYS A 80 21.53 -27.32 -25.12
C LYS A 80 20.43 -28.02 -25.94
N GLY A 81 20.48 -27.90 -27.26
CA GLY A 81 19.45 -28.50 -28.09
C GLY A 81 18.27 -27.59 -28.34
N HIS A 82 18.55 -26.37 -28.79
CA HIS A 82 17.54 -25.33 -29.04
C HIS A 82 17.01 -25.26 -30.46
N SER A 83 16.18 -24.25 -30.67
CA SER A 83 16.12 -23.52 -31.92
C SER A 83 17.02 -22.33 -31.64
N ARG A 84 17.97 -22.04 -32.52
CA ARG A 84 18.88 -20.92 -32.28
C ARG A 84 18.14 -19.59 -32.22
N TYR A 85 17.18 -19.43 -33.13
CA TYR A 85 16.48 -18.17 -33.29
C TYR A 85 15.09 -18.22 -32.65
N GLY A 86 14.73 -17.15 -31.95
CA GLY A 86 13.43 -17.06 -31.29
C GLY A 86 12.44 -16.18 -32.02
N ARG A 87 11.71 -15.38 -31.26
CA ARG A 87 10.68 -14.50 -31.83
C ARG A 87 11.30 -13.21 -32.33
N THR A 88 10.51 -12.40 -33.01
CA THR A 88 10.98 -11.11 -33.47
C THR A 88 10.15 -9.98 -32.83
N TYR A 89 10.84 -8.93 -32.37
CA TYR A 89 10.16 -7.84 -31.67
C TYR A 89 10.48 -6.49 -32.30
N PRO A 90 9.50 -5.56 -32.29
CA PRO A 90 9.69 -4.19 -32.78
C PRO A 90 10.75 -3.45 -31.98
N GLY A 91 10.76 -3.70 -30.67
CA GLY A 91 11.69 -3.03 -29.77
C GLY A 91 11.00 -1.94 -28.98
N LEU A 92 11.14 -2.01 -27.66
CA LEU A 92 10.57 -1.01 -26.78
C LEU A 92 11.27 0.31 -26.91
N TYR A 93 12.57 0.24 -27.21
CA TYR A 93 13.45 1.41 -27.20
C TYR A 93 14.58 1.26 -28.22
N PRO A 94 14.25 1.33 -29.51
CA PRO A 94 15.19 1.08 -30.62
C PRO A 94 16.50 1.89 -30.53
N GLU A 95 16.47 3.07 -29.93
CA GLU A 95 17.65 3.91 -29.88
C GLU A 95 18.53 3.61 -28.67
N TRP A 96 18.23 2.51 -27.99
CA TRP A 96 18.98 2.08 -26.82
C TRP A 96 20.46 1.96 -27.19
N GLY A 97 21.34 2.57 -26.40
CA GLY A 97 22.77 2.46 -26.62
C GLY A 97 23.37 3.40 -27.66
N ASN A 98 22.52 4.07 -28.43
CA ASN A 98 22.99 5.06 -29.40
C ASN A 98 23.58 6.28 -28.73
N LEU A 99 24.03 7.22 -29.54
CA LEU A 99 24.53 8.48 -29.06
C LEU A 99 23.61 9.60 -29.53
N THR A 100 23.44 10.61 -28.71
CA THR A 100 22.62 11.75 -29.10
C THR A 100 23.44 12.65 -30.00
N THR A 101 22.81 13.70 -30.52
CA THR A 101 23.52 14.71 -31.31
C THR A 101 24.71 15.25 -30.52
N GLU A 102 24.52 15.40 -29.22
CA GLU A 102 25.56 15.90 -28.32
C GLU A 102 26.47 14.79 -27.82
N GLY A 103 26.30 13.59 -28.36
CA GLY A 103 27.22 12.49 -28.11
C GLY A 103 27.16 11.89 -26.71
N LYS A 104 25.97 11.93 -26.10
CA LYS A 104 25.73 11.22 -24.85
C LYS A 104 25.15 9.85 -25.16
N VAL A 105 25.38 8.86 -24.30
CA VAL A 105 24.90 7.51 -24.58
C VAL A 105 23.49 7.29 -24.03
N ASN A 106 22.62 6.69 -24.83
CA ASN A 106 21.25 6.35 -24.41
C ASN A 106 21.17 5.12 -23.54
N LYS A 107 21.32 5.30 -22.23
CA LYS A 107 21.31 4.17 -21.31
C LYS A 107 19.90 3.95 -20.75
N ILE A 108 19.71 2.84 -20.03
CA ILE A 108 18.44 2.56 -19.35
C ILE A 108 18.68 2.18 -17.90
N HIS A 109 17.62 2.28 -17.09
CA HIS A 109 17.60 1.67 -15.75
C HIS A 109 16.83 0.36 -15.82
N LEU A 110 17.44 -0.72 -15.34
CA LEU A 110 16.71 -1.98 -15.25
C LEU A 110 16.13 -2.17 -13.86
N VAL A 111 14.81 -2.28 -13.79
CA VAL A 111 14.12 -2.59 -12.54
C VAL A 111 13.50 -3.97 -12.70
N ALA A 112 13.91 -4.87 -11.83
CA ALA A 112 13.55 -6.27 -11.95
C ALA A 112 12.98 -6.81 -10.65
N HIS A 113 12.07 -7.75 -10.80
CA HIS A 113 11.46 -8.45 -9.68
C HIS A 113 11.77 -9.92 -9.81
N SER A 114 12.01 -10.56 -8.67
CA SER A 114 12.19 -12.01 -8.63
C SER A 114 13.30 -12.46 -9.58
N MET A 115 13.07 -13.52 -10.35
CA MET A 115 14.10 -14.08 -11.24
C MET A 115 14.65 -13.06 -12.25
N GLY A 116 13.87 -12.01 -12.50
CA GLY A 116 14.30 -10.94 -13.37
C GLY A 116 15.59 -10.33 -12.84
N GLY A 117 15.74 -10.38 -11.51
CA GLY A 117 16.96 -9.86 -10.91
C GLY A 117 18.20 -10.58 -11.46
N GLN A 118 18.07 -11.90 -11.67
CA GLN A 118 19.16 -12.70 -12.21
C GLN A 118 19.33 -12.41 -13.69
N THR A 119 18.21 -12.29 -14.39
CA THR A 119 18.19 -12.08 -15.82
C THR A 119 18.93 -10.82 -16.24
N VAL A 120 18.71 -9.71 -15.53
CA VAL A 120 19.29 -8.44 -15.93
C VAL A 120 20.76 -8.33 -15.55
N ARG A 121 21.17 -9.00 -14.47
CA ARG A 121 22.59 -9.16 -14.16
C ARG A 121 23.29 -9.86 -15.34
N THR A 122 22.60 -10.85 -15.89
CA THR A 122 23.14 -11.62 -17.00
C THR A 122 23.18 -10.78 -18.27
N LEU A 123 22.12 -10.02 -18.49
CA LEU A 123 22.07 -9.11 -19.63
C LEU A 123 23.27 -8.17 -19.65
N VAL A 124 23.58 -7.54 -18.52
CA VAL A 124 24.66 -6.54 -18.50
C VAL A 124 26.02 -7.22 -18.65
N GLN A 125 26.10 -8.47 -18.19
CA GLN A 125 27.34 -9.25 -18.35
C GLN A 125 27.63 -9.48 -19.82
N LEU A 126 26.57 -9.77 -20.58
CA LEU A 126 26.69 -10.01 -22.01
C LEU A 126 26.90 -8.69 -22.76
N LEU A 127 26.24 -7.63 -22.30
CA LEU A 127 26.43 -6.30 -22.87
C LEU A 127 27.89 -5.88 -22.85
N LYS A 128 28.49 -6.01 -21.67
CA LYS A 128 29.83 -5.52 -21.45
C LYS A 128 30.89 -6.36 -22.12
N GLU A 129 30.73 -7.68 -22.05
CA GLU A 129 31.84 -8.56 -22.43
C GLU A 129 31.44 -9.67 -23.40
N GLY A 130 30.19 -9.68 -23.83
CA GLY A 130 29.71 -10.67 -24.78
C GLY A 130 30.04 -12.08 -24.37
N SER A 131 30.13 -12.98 -25.34
CA SER A 131 30.52 -14.35 -25.07
C SER A 131 31.70 -14.71 -25.97
N GLU A 132 32.82 -15.06 -25.37
CA GLU A 132 33.98 -15.43 -26.15
C GLU A 132 33.68 -16.72 -26.92
N GLU A 133 32.90 -17.58 -26.28
CA GLU A 133 32.47 -18.84 -26.86
C GLU A 133 31.74 -18.61 -28.18
N GLU A 134 30.90 -17.58 -28.21
CA GLU A 134 30.07 -17.36 -29.39
C GLU A 134 30.88 -16.68 -30.50
N ARG A 135 31.76 -15.76 -30.11
CA ARG A 135 32.56 -15.01 -31.08
C ARG A 135 33.51 -15.93 -31.83
N ASN A 136 33.94 -16.99 -31.17
CA ASN A 136 34.84 -17.94 -31.80
C ASN A 136 34.11 -18.78 -32.82
N THR A 137 33.21 -19.62 -32.34
CA THR A 137 32.51 -20.56 -33.19
C THR A 137 31.14 -20.06 -33.60
N THR A 138 31.08 -19.37 -34.74
CA THR A 138 29.82 -18.95 -35.33
C THR A 138 30.10 -18.67 -36.80
N PRO A 139 29.31 -19.29 -37.69
CA PRO A 139 29.65 -19.23 -39.12
C PRO A 139 29.69 -17.80 -39.63
N SER A 140 28.52 -17.18 -39.71
CA SER A 140 28.45 -15.76 -39.93
C SER A 140 27.19 -15.29 -39.26
N GLN A 141 26.93 -14.00 -39.36
CA GLN A 141 25.69 -13.45 -38.85
C GLN A 141 25.56 -13.73 -37.34
N LEU A 142 26.56 -13.32 -36.56
CA LEU A 142 26.53 -13.46 -35.10
C LEU A 142 25.68 -12.34 -34.46
N SER A 143 24.99 -12.66 -33.36
CA SER A 143 24.19 -11.66 -32.66
C SER A 143 25.05 -10.59 -32.01
N SER A 144 24.64 -9.34 -32.23
CA SER A 144 25.37 -8.17 -31.73
C SER A 144 25.59 -8.19 -30.21
N LEU A 145 24.70 -8.87 -29.49
CA LEU A 145 24.81 -8.96 -28.04
C LEU A 145 26.17 -9.51 -27.58
N PHE A 146 26.71 -10.45 -28.35
CA PHE A 146 27.93 -11.15 -27.94
C PHE A 146 29.24 -10.45 -28.32
N ALA A 147 29.16 -9.30 -28.94
CA ALA A 147 30.36 -8.53 -29.27
C ALA A 147 31.09 -8.10 -28.00
N GLY A 148 30.40 -7.32 -27.18
CA GLY A 148 30.93 -6.75 -25.95
C GLY A 148 31.08 -5.24 -26.05
N GLY A 149 31.67 -4.64 -25.02
CA GLY A 149 31.96 -3.22 -25.01
C GLY A 149 30.76 -2.30 -24.90
N LYS A 150 29.58 -2.85 -24.59
CA LYS A 150 28.37 -2.03 -24.56
C LYS A 150 27.99 -1.65 -23.14
N SER A 151 28.17 -0.38 -22.81
CA SER A 151 27.76 0.11 -21.50
C SER A 151 26.44 0.87 -21.66
N TRP A 152 25.33 0.12 -21.66
CA TRP A 152 24.00 0.65 -21.97
C TRP A 152 23.04 0.71 -20.78
N VAL A 153 23.54 0.35 -19.61
CA VAL A 153 22.70 0.25 -18.43
C VAL A 153 23.31 1.11 -17.33
N HIS A 154 22.49 1.94 -16.70
CA HIS A 154 23.01 2.86 -15.71
C HIS A 154 22.86 2.29 -14.31
N SER A 155 21.72 1.65 -14.07
CA SER A 155 21.47 1.06 -12.76
C SER A 155 20.68 -0.23 -12.87
N ILE A 156 20.81 -1.05 -11.83
CA ILE A 156 20.04 -2.26 -11.72
C ILE A 156 19.36 -2.28 -10.36
N THR A 157 18.04 -2.34 -10.35
CA THR A 157 17.31 -2.51 -9.11
C THR A 157 16.66 -3.86 -9.14
N THR A 158 16.93 -4.69 -8.13
CA THR A 158 16.28 -5.99 -8.07
C THR A 158 15.45 -6.08 -6.81
N ILE A 159 14.28 -6.68 -6.96
CA ILE A 159 13.31 -6.77 -5.90
C ILE A 159 12.90 -8.20 -5.69
N ALA A 160 13.12 -8.68 -4.47
CA ALA A 160 12.81 -10.07 -4.10
C ALA A 160 13.48 -11.06 -5.03
N SER A 161 14.73 -10.79 -5.41
CA SER A 161 15.43 -11.66 -6.34
C SER A 161 16.27 -12.74 -5.65
N PRO A 162 16.30 -13.94 -6.23
CA PRO A 162 17.06 -15.08 -5.71
C PRO A 162 18.51 -15.10 -6.23
N HIS A 163 19.32 -14.19 -5.70
CA HIS A 163 20.69 -14.08 -6.17
C HIS A 163 21.55 -15.26 -5.73
N ASP A 164 21.12 -15.98 -4.70
CA ASP A 164 21.78 -17.20 -4.25
C ASP A 164 20.87 -18.42 -4.48
N GLY A 165 19.77 -18.18 -5.20
CA GLY A 165 18.80 -19.23 -5.49
C GLY A 165 17.68 -19.30 -4.45
N THR A 166 16.78 -20.27 -4.64
CA THR A 166 15.66 -20.56 -3.73
C THR A 166 15.53 -22.03 -3.39
N THR A 167 15.26 -22.34 -2.12
CA THR A 167 15.02 -23.73 -1.74
C THR A 167 13.69 -24.23 -2.34
N LEU A 168 12.88 -23.31 -2.85
CA LEU A 168 11.66 -23.72 -3.55
C LEU A 168 12.02 -24.53 -4.78
N ALA A 169 13.09 -24.13 -5.46
CA ALA A 169 13.51 -24.83 -6.67
C ALA A 169 14.37 -26.05 -6.36
N ASP A 170 14.93 -26.11 -5.15
CA ASP A 170 15.74 -27.27 -4.75
C ASP A 170 14.87 -28.51 -4.53
N GLY A 171 13.62 -28.27 -4.13
CA GLY A 171 12.66 -29.36 -3.93
C GLY A 171 12.16 -30.01 -5.20
N ILE A 172 12.61 -29.50 -6.35
CA ILE A 172 12.31 -30.08 -7.66
C ILE A 172 10.81 -30.23 -7.96
N ASN A 173 10.12 -31.09 -7.22
CA ASN A 173 8.71 -31.36 -7.51
C ASN A 173 7.82 -30.19 -7.16
N ILE A 174 8.21 -29.40 -6.18
CA ILE A 174 7.33 -28.34 -5.73
C ILE A 174 7.43 -27.12 -6.66
N PHE A 175 8.53 -27.04 -7.40
CA PHE A 175 8.69 -26.05 -8.46
C PHE A 175 7.55 -26.14 -9.49
N GLY A 176 7.27 -27.35 -9.96
CA GLY A 176 6.17 -27.55 -10.90
C GLY A 176 4.81 -27.37 -10.26
N ASP A 177 4.69 -27.69 -8.97
CA ASP A 177 3.42 -27.49 -8.29
C ASP A 177 3.13 -26.00 -8.20
N PHE A 178 4.18 -25.23 -7.91
CA PHE A 178 4.03 -23.79 -7.82
C PHE A 178 3.62 -23.20 -9.16
N ALA A 179 4.26 -23.66 -10.23
CA ALA A 179 3.95 -23.12 -11.55
C ALA A 179 2.49 -23.38 -11.89
N LYS A 180 2.09 -24.65 -11.85
CA LYS A 180 0.72 -25.03 -12.14
C LYS A 180 -0.28 -24.21 -11.32
N ASN A 181 -0.03 -24.08 -10.03
CA ASN A 181 -0.96 -23.36 -9.17
C ASN A 181 -1.00 -21.86 -9.44
N LEU A 182 0.12 -21.28 -9.87
CA LEU A 182 0.10 -19.86 -10.20
C LEU A 182 -0.80 -19.60 -11.41
N VAL A 183 -0.71 -20.44 -12.44
CA VAL A 183 -1.59 -20.28 -13.60
C VAL A 183 -3.03 -20.47 -13.18
N ALA A 184 -3.28 -21.53 -12.44
CA ALA A 184 -4.62 -21.83 -11.96
C ALA A 184 -5.14 -20.68 -11.12
N SER A 185 -4.25 -20.11 -10.31
CA SER A 185 -4.63 -18.99 -9.46
C SER A 185 -5.03 -17.76 -10.26
N LEU A 186 -4.25 -17.44 -11.29
CA LEU A 186 -4.56 -16.29 -12.13
C LEU A 186 -5.91 -16.44 -12.83
N ALA A 187 -6.17 -17.63 -13.35
CA ALA A 187 -7.42 -17.91 -14.04
C ALA A 187 -8.61 -17.72 -13.12
N SER A 188 -8.49 -18.11 -11.86
CA SER A 188 -9.59 -17.94 -10.92
C SER A 188 -9.77 -16.48 -10.54
N PHE A 189 -8.67 -15.83 -10.18
CA PHE A 189 -8.69 -14.47 -9.66
C PHE A 189 -9.22 -13.43 -10.65
N THR A 190 -8.95 -13.62 -11.94
CA THR A 190 -9.50 -12.75 -12.95
C THR A 190 -10.88 -13.19 -13.42
N GLY A 191 -11.21 -14.46 -13.22
CA GLY A 191 -12.48 -14.97 -13.72
C GLY A 191 -12.34 -15.47 -15.15
N ALA A 192 -11.11 -15.47 -15.65
CA ALA A 192 -10.84 -15.94 -17.01
C ALA A 192 -11.14 -17.43 -17.19
N GLY A 193 -10.94 -18.21 -16.13
CA GLY A 193 -11.11 -19.65 -16.22
C GLY A 193 -10.19 -20.21 -17.29
N GLU A 194 -10.69 -21.19 -18.06
CA GLU A 194 -9.91 -21.84 -19.11
C GLU A 194 -9.53 -20.91 -20.27
N LYS A 195 -10.15 -19.73 -20.33
CA LYS A 195 -9.86 -18.82 -21.43
C LYS A 195 -8.76 -17.82 -21.09
N LEU A 196 -8.04 -18.08 -20.00
CA LEU A 196 -6.93 -17.22 -19.59
C LEU A 196 -5.85 -17.15 -20.67
N ILE A 197 -5.44 -15.93 -21.02
CA ILE A 197 -4.35 -15.77 -21.97
C ILE A 197 -3.03 -15.84 -21.21
N TYR A 198 -2.35 -16.97 -21.36
CA TYR A 198 -1.06 -17.17 -20.72
C TYR A 198 -0.23 -18.10 -21.59
N ASP A 199 1.03 -17.75 -21.81
CA ASP A 199 1.88 -18.53 -22.67
C ASP A 199 3.26 -18.79 -22.07
N PHE A 200 3.72 -20.03 -22.10
CA PHE A 200 4.99 -20.35 -21.44
C PHE A 200 6.19 -19.99 -22.29
N LYS A 201 5.93 -19.68 -23.55
CA LYS A 201 6.97 -19.22 -24.48
C LYS A 201 8.14 -20.18 -24.51
N LEU A 202 7.85 -21.44 -24.81
CA LEU A 202 8.90 -22.46 -24.93
C LEU A 202 8.96 -23.01 -26.34
N ASP A 203 8.91 -22.12 -27.32
CA ASP A 203 8.86 -22.56 -28.72
C ASP A 203 10.23 -23.06 -29.18
N GLN A 204 11.29 -22.62 -28.50
CA GLN A 204 12.64 -23.10 -28.81
C GLN A 204 12.83 -24.53 -28.30
N TRP A 205 11.78 -25.06 -27.67
CA TRP A 205 11.75 -26.47 -27.27
C TRP A 205 10.61 -27.21 -27.96
N GLY A 206 9.89 -26.52 -28.84
CA GLY A 206 8.76 -27.12 -29.54
C GLY A 206 7.54 -27.30 -28.66
N LEU A 207 7.60 -26.75 -27.45
CA LEU A 207 6.49 -26.87 -26.50
C LEU A 207 5.55 -25.68 -26.54
N ASN A 208 4.99 -25.41 -27.71
CA ASN A 208 3.98 -24.37 -27.86
C ASN A 208 2.58 -24.99 -27.87
N ARG A 209 1.59 -24.24 -27.40
CA ARG A 209 0.25 -24.80 -27.30
C ARG A 209 -0.29 -25.22 -28.65
N LYS A 210 -0.88 -26.41 -28.68
CA LYS A 210 -1.52 -26.93 -29.88
C LYS A 210 -2.89 -26.28 -30.07
N SER A 211 -3.44 -26.38 -31.28
CA SER A 211 -4.74 -25.82 -31.57
C SER A 211 -5.84 -26.53 -30.81
N GLY A 212 -6.75 -25.77 -30.21
CA GLY A 212 -7.89 -26.35 -29.51
C GLY A 212 -7.52 -27.06 -28.21
N GLU A 213 -6.26 -26.92 -27.80
CA GLU A 213 -5.80 -27.48 -26.54
C GLU A 213 -6.21 -26.57 -25.39
N SER A 214 -6.80 -27.14 -24.36
CA SER A 214 -7.19 -26.36 -23.20
C SER A 214 -5.96 -25.86 -22.45
N LEU A 215 -6.12 -24.77 -21.71
CA LEU A 215 -5.00 -24.23 -20.92
C LEU A 215 -4.46 -25.26 -19.95
N THR A 216 -5.37 -25.99 -19.31
CA THR A 216 -5.00 -27.02 -18.34
C THR A 216 -4.17 -28.15 -18.95
N ASP A 217 -4.58 -28.65 -20.12
CA ASP A 217 -3.82 -29.69 -20.79
C ASP A 217 -2.47 -29.18 -21.25
N TYR A 218 -2.45 -27.95 -21.76
CA TYR A 218 -1.22 -27.32 -22.21
C TYR A 218 -0.25 -27.19 -21.04
N THR A 219 -0.74 -26.70 -19.90
CA THR A 219 0.08 -26.53 -18.70
C THR A 219 0.67 -27.85 -18.21
N ASN A 220 -0.17 -28.87 -18.07
CA ASN A 220 0.30 -30.19 -17.67
C ASN A 220 1.32 -30.79 -18.64
N ARG A 221 1.08 -30.63 -19.93
CA ARG A 221 2.00 -31.18 -20.92
C ARG A 221 3.38 -30.53 -20.79
N VAL A 222 3.41 -29.23 -20.48
CA VAL A 222 4.68 -28.53 -20.32
C VAL A 222 5.53 -29.07 -19.16
N PHE A 223 4.91 -29.23 -17.99
CA PHE A 223 5.64 -29.58 -16.78
C PHE A 223 5.70 -31.09 -16.53
N ASN A 224 5.10 -31.88 -17.41
CA ASN A 224 5.26 -33.32 -17.37
C ASN A 224 6.25 -33.74 -18.45
N SER A 225 6.92 -32.77 -19.04
CA SER A 225 7.91 -33.03 -20.06
C SER A 225 9.21 -33.58 -19.49
N ALA A 226 9.92 -34.34 -20.32
CA ALA A 226 11.19 -34.94 -19.90
C ALA A 226 12.27 -33.88 -19.79
N ILE A 227 12.06 -32.76 -20.46
CA ILE A 227 13.07 -31.71 -20.57
C ILE A 227 13.59 -31.24 -19.22
N TRP A 228 12.70 -31.15 -18.24
CA TRP A 228 13.03 -30.59 -16.93
C TRP A 228 14.13 -31.37 -16.21
N ASN A 229 14.16 -32.68 -16.45
CA ASN A 229 15.14 -33.53 -15.79
C ASN A 229 16.39 -33.74 -16.63
N SER A 230 16.34 -33.36 -17.90
CA SER A 230 17.40 -33.67 -18.85
C SER A 230 18.33 -32.50 -19.16
N THR A 231 17.79 -31.28 -19.13
CA THR A 231 18.61 -30.11 -19.36
C THR A 231 18.85 -29.30 -18.09
N ASN A 232 19.85 -28.42 -18.14
CA ASN A 232 20.08 -27.48 -17.05
C ASN A 232 19.83 -26.07 -17.55
N ASP A 233 19.03 -25.97 -18.61
CA ASP A 233 18.79 -24.70 -19.30
C ASP A 233 17.38 -24.19 -19.11
N LEU A 234 16.80 -24.45 -17.94
CA LEU A 234 15.49 -23.91 -17.63
C LEU A 234 15.50 -23.23 -16.26
N ALA A 235 14.42 -22.52 -15.94
CA ALA A 235 14.35 -21.77 -14.69
C ALA A 235 14.61 -22.65 -13.46
N ASN A 236 14.11 -23.89 -13.51
CA ASN A 236 14.21 -24.78 -12.36
C ASN A 236 15.65 -25.09 -11.96
N TRP A 237 16.58 -25.04 -12.91
CA TRP A 237 17.99 -25.18 -12.55
C TRP A 237 18.54 -23.84 -12.05
N ASP A 238 18.30 -22.77 -12.82
CA ASP A 238 18.85 -21.46 -12.51
C ASP A 238 18.29 -20.86 -11.22
N LEU A 239 17.10 -21.30 -10.82
CA LEU A 239 16.51 -20.80 -9.58
C LEU A 239 17.01 -21.53 -8.35
N SER A 240 17.58 -22.71 -8.55
CA SER A 240 18.07 -23.50 -7.43
C SER A 240 19.33 -22.90 -6.84
N THR A 241 19.64 -23.31 -5.61
CA THR A 241 20.87 -22.91 -4.95
C THR A 241 22.06 -23.41 -5.75
N ASP A 242 21.88 -24.54 -6.41
CA ASP A 242 22.93 -25.17 -7.19
C ASP A 242 23.22 -24.40 -8.47
N GLY A 243 22.18 -23.99 -9.17
CA GLY A 243 22.35 -23.26 -10.41
C GLY A 243 22.71 -21.79 -10.26
N ALA A 244 22.18 -21.15 -9.22
CA ALA A 244 22.43 -19.73 -9.02
C ALA A 244 23.92 -19.54 -8.70
N ARG A 245 24.40 -20.42 -7.85
CA ARG A 245 25.80 -20.55 -7.50
C ARG A 245 26.65 -20.48 -8.75
N VAL A 246 26.28 -21.32 -9.72
CA VAL A 246 27.00 -21.40 -10.99
C VAL A 246 26.97 -20.07 -11.72
N LEU A 247 25.78 -19.49 -11.81
CA LEU A 247 25.62 -18.19 -12.47
C LEU A 247 26.52 -17.13 -11.82
N ASN A 248 26.60 -17.18 -10.49
CA ASN A 248 27.35 -16.22 -9.72
C ASN A 248 28.84 -16.19 -10.04
N GLN A 249 29.37 -17.31 -10.53
CA GLN A 249 30.79 -17.41 -10.82
C GLN A 249 31.20 -16.49 -11.96
N TRP A 250 30.31 -16.30 -12.93
CA TRP A 250 30.67 -15.57 -14.14
C TRP A 250 29.83 -14.32 -14.41
N VAL A 251 28.77 -14.12 -13.63
CA VAL A 251 27.98 -12.89 -13.74
C VAL A 251 28.32 -11.97 -12.57
N LYS A 252 29.15 -10.97 -12.85
CA LYS A 252 29.77 -10.16 -11.81
C LYS A 252 29.26 -8.74 -11.85
N ALA A 253 29.40 -8.04 -10.73
CA ALA A 253 28.95 -6.65 -10.65
C ALA A 253 29.83 -5.79 -11.52
N GLN A 254 29.23 -5.09 -12.49
CA GLN A 254 29.99 -4.20 -13.36
C GLN A 254 30.35 -2.91 -12.65
N SER A 255 31.41 -2.27 -13.14
CA SER A 255 31.98 -1.10 -12.49
C SER A 255 31.16 0.16 -12.69
N ASP A 256 30.49 0.26 -13.83
CA ASP A 256 29.79 1.49 -14.21
C ASP A 256 28.29 1.36 -14.06
N ILE A 257 27.85 0.46 -13.18
CA ILE A 257 26.42 0.27 -12.92
C ILE A 257 26.08 0.43 -11.44
N TYR A 258 25.10 1.28 -11.14
CA TYR A 258 24.60 1.37 -9.77
C TYR A 258 23.71 0.15 -9.46
N TYR A 259 23.92 -0.51 -8.33
CA TYR A 259 23.10 -1.65 -7.98
C TYR A 259 22.28 -1.39 -6.73
N PHE A 260 20.97 -1.57 -6.84
CA PHE A 260 20.09 -1.51 -5.67
C PHE A 260 19.31 -2.81 -5.52
N SER A 261 19.32 -3.38 -4.32
CA SER A 261 18.60 -4.62 -4.04
C SER A 261 17.65 -4.44 -2.85
N TYR A 262 16.40 -4.79 -3.07
CA TYR A 262 15.40 -4.76 -2.01
C TYR A 262 15.11 -6.17 -1.55
N SER A 263 15.00 -6.37 -0.23
CA SER A 263 14.73 -7.69 0.32
C SER A 263 13.35 -7.77 0.93
N THR A 264 12.69 -8.91 0.74
CA THR A 264 11.34 -9.14 1.24
C THR A 264 11.29 -10.26 2.25
N CYS A 265 10.32 -10.19 3.14
CA CYS A 265 10.14 -11.21 4.16
C CYS A 265 8.70 -11.16 4.61
N ALA A 266 8.09 -12.32 4.80
CA ALA A 266 6.70 -12.35 5.22
C ALA A 266 6.30 -13.70 5.78
N THR A 267 5.35 -13.72 6.70
CA THR A 267 4.70 -14.96 7.02
C THR A 267 3.30 -14.83 6.43
N VAL A 268 3.01 -15.69 5.47
CA VAL A 268 1.73 -15.64 4.78
C VAL A 268 0.64 -16.25 5.65
N PRO A 269 -0.44 -15.51 5.92
CA PRO A 269 -1.55 -16.10 6.68
C PRO A 269 -2.25 -17.23 5.93
N SER A 270 -3.01 -18.04 6.67
CA SER A 270 -3.81 -19.10 6.05
C SER A 270 -5.19 -18.59 5.60
N ILE A 271 -5.60 -17.42 6.05
CA ILE A 271 -6.92 -16.87 5.70
C ILE A 271 -6.89 -16.12 4.38
N LEU A 272 -7.84 -16.39 3.50
CA LEU A 272 -7.86 -15.76 2.19
C LEU A 272 -8.76 -14.53 2.10
N THR A 273 -8.17 -13.42 1.68
CA THR A 273 -8.86 -12.18 1.33
C THR A 273 -9.16 -12.17 -0.16
N SER A 274 -10.19 -11.43 -0.58
CA SER A 274 -10.51 -11.28 -1.99
C SER A 274 -9.48 -10.41 -2.72
N ASN A 275 -8.52 -9.91 -1.97
CA ASN A 275 -7.58 -8.93 -2.47
C ASN A 275 -6.29 -9.57 -3.00
N GLU A 276 -6.19 -10.89 -2.89
CA GLU A 276 -4.93 -11.55 -3.21
C GLU A 276 -5.11 -12.81 -4.05
N LEU A 277 -4.01 -13.29 -4.63
CA LEU A 277 -4.03 -14.53 -5.39
C LEU A 277 -4.39 -15.72 -4.49
N PRO A 278 -5.43 -16.47 -4.87
CA PRO A 278 -5.82 -17.60 -4.03
C PRO A 278 -5.13 -18.89 -4.44
N HIS A 279 -5.02 -19.80 -3.48
CA HIS A 279 -4.71 -21.18 -3.80
C HIS A 279 -6.02 -21.91 -4.15
N VAL A 280 -6.12 -22.40 -5.38
CA VAL A 280 -7.38 -22.95 -5.85
C VAL A 280 -7.76 -24.28 -5.18
N ILE A 281 -6.80 -24.93 -4.53
CA ILE A 281 -7.10 -26.19 -3.85
C ILE A 281 -7.43 -25.93 -2.38
N TYR A 282 -6.52 -25.25 -1.68
CA TYR A 282 -6.66 -25.09 -0.23
C TYR A 282 -7.57 -23.93 0.19
N MET A 283 -7.89 -23.05 -0.74
CA MET A 283 -8.68 -21.86 -0.44
C MET A 283 -7.95 -21.01 0.59
N THR A 284 -6.62 -21.11 0.60
CA THR A 284 -5.77 -20.21 1.34
C THR A 284 -5.19 -19.17 0.37
N PRO A 285 -4.42 -18.21 0.88
CA PRO A 285 -3.64 -17.43 -0.11
C PRO A 285 -2.73 -18.37 -0.92
N LEU A 286 -2.43 -18.04 -2.18
CA LEU A 286 -1.58 -18.88 -3.04
C LEU A 286 -0.26 -19.24 -2.37
N LEU A 287 0.40 -18.25 -1.76
CA LEU A 287 1.74 -18.44 -1.24
C LEU A 287 1.81 -19.16 0.10
N TYR A 288 0.66 -19.48 0.69
CA TYR A 288 0.64 -20.05 2.02
C TYR A 288 1.41 -21.39 2.13
N PRO A 289 1.09 -22.38 1.29
CA PRO A 289 1.84 -23.63 1.47
C PRO A 289 3.31 -23.49 1.06
N PHE A 290 3.60 -22.65 0.08
CA PHE A 290 4.98 -22.51 -0.37
C PHE A 290 5.86 -21.80 0.65
N GLY A 291 5.34 -20.74 1.27
CA GLY A 291 5.99 -20.09 2.40
C GLY A 291 6.30 -21.05 3.53
N ARG A 292 5.35 -21.93 3.86
CA ARG A 292 5.57 -22.90 4.95
C ARG A 292 6.58 -23.95 4.53
N PHE A 293 6.52 -24.38 3.28
CA PHE A 293 7.49 -25.35 2.81
C PHE A 293 8.90 -24.79 2.91
N ILE A 294 9.12 -23.59 2.38
CA ILE A 294 10.45 -22.97 2.39
C ILE A 294 10.93 -22.73 3.81
N GLY A 295 10.01 -22.34 4.67
CA GLY A 295 10.35 -22.04 6.06
C GLY A 295 10.67 -23.25 6.91
N SER A 296 10.54 -24.45 6.35
CA SER A 296 10.81 -25.67 7.11
C SER A 296 11.84 -26.57 6.41
N TYR A 297 12.32 -26.13 5.25
CA TYR A 297 13.25 -26.93 4.47
C TYR A 297 14.70 -26.66 4.88
N THR A 298 15.37 -27.70 5.38
CA THR A 298 16.81 -27.60 5.66
C THR A 298 17.56 -28.72 4.95
N ARG A 299 18.88 -28.54 4.79
CA ARG A 299 19.67 -29.55 4.10
C ARG A 299 21.14 -29.41 4.43
N ASN A 300 21.75 -30.53 4.80
CA ASN A 300 23.15 -30.57 5.17
C ASN A 300 23.85 -31.65 4.38
N GLU A 301 23.98 -31.44 3.08
CA GLU A 301 24.64 -32.42 2.23
C GLU A 301 25.94 -31.87 1.69
N GLN A 302 26.90 -32.77 1.49
CA GLN A 302 28.19 -32.36 0.97
C GLN A 302 28.10 -32.08 -0.52
N GLY A 303 28.75 -31.00 -0.95
CA GLY A 303 28.76 -30.62 -2.35
C GLY A 303 27.68 -29.62 -2.73
N ARG A 304 26.63 -29.52 -1.92
CA ARG A 304 25.57 -28.54 -2.18
C ARG A 304 25.58 -27.45 -1.13
N VAL A 305 24.96 -26.32 -1.44
CA VAL A 305 24.82 -25.21 -0.49
C VAL A 305 24.12 -25.71 0.77
N ILE A 306 24.74 -25.45 1.92
CA ILE A 306 24.17 -25.91 3.19
C ILE A 306 23.02 -24.99 3.57
N ILE A 307 21.86 -25.60 3.84
CA ILE A 307 20.65 -24.85 4.11
C ILE A 307 20.18 -25.02 5.55
N ASP A 308 20.38 -23.94 6.31
CA ASP A 308 20.19 -23.93 7.75
C ASP A 308 19.11 -22.94 8.15
N ASN A 309 18.97 -22.70 9.45
CA ASN A 309 17.92 -21.86 9.98
C ASN A 309 17.90 -20.44 9.39
N SER A 310 19.06 -19.93 8.99
CA SER A 310 19.10 -18.59 8.42
C SER A 310 18.43 -18.53 7.06
N TRP A 311 18.16 -19.68 6.44
CA TRP A 311 17.47 -19.74 5.15
C TRP A 311 15.95 -19.83 5.27
N LYS A 312 15.46 -20.09 6.46
CA LYS A 312 14.02 -20.26 6.63
C LYS A 312 13.18 -19.00 6.38
N PRO A 313 13.67 -17.81 6.76
CA PRO A 313 12.76 -16.69 6.47
C PRO A 313 12.61 -16.47 4.96
N ASN A 314 11.39 -16.21 4.50
CA ASN A 314 11.17 -16.05 3.07
C ASN A 314 9.95 -15.19 2.76
N ASP A 315 9.70 -14.94 1.48
CA ASP A 315 8.56 -14.12 1.08
C ASP A 315 7.46 -14.98 0.45
N GLY A 316 7.57 -16.30 0.61
CA GLY A 316 6.58 -17.22 0.04
C GLY A 316 7.11 -17.89 -1.22
N VAL A 317 8.11 -17.27 -1.84
CA VAL A 317 8.68 -17.85 -3.03
C VAL A 317 10.21 -17.90 -2.96
N VAL A 318 10.81 -16.89 -2.34
CA VAL A 318 12.27 -16.79 -2.30
C VAL A 318 12.80 -16.59 -0.88
N ASN A 319 13.86 -17.31 -0.50
CA ASN A 319 14.50 -17.09 0.79
C ASN A 319 15.00 -15.65 0.93
N THR A 320 14.73 -15.01 2.08
CA THR A 320 15.12 -13.63 2.29
C THR A 320 16.62 -13.44 2.22
N ILE A 321 17.37 -14.40 2.72
CA ILE A 321 18.84 -14.30 2.79
C ILE A 321 19.46 -14.23 1.39
N SER A 322 18.70 -14.64 0.39
CA SER A 322 19.25 -14.75 -0.97
C SER A 322 19.14 -13.45 -1.78
N GLN A 323 18.50 -12.43 -1.22
CA GLN A 323 18.00 -11.29 -2.02
C GLN A 323 18.82 -9.99 -1.93
N ASN A 324 19.74 -9.87 -0.97
CA ASN A 324 20.48 -8.62 -0.86
C ASN A 324 21.55 -8.51 -1.93
N GLY A 325 21.87 -9.64 -2.56
CA GLY A 325 22.88 -9.66 -3.60
C GLY A 325 23.50 -11.04 -3.70
N PRO A 326 24.19 -11.32 -4.80
CA PRO A 326 24.83 -12.62 -5.00
C PRO A 326 26.02 -12.76 -4.07
N LYS A 327 26.02 -13.78 -3.22
CA LYS A 327 27.10 -14.02 -2.28
C LYS A 327 27.85 -15.31 -2.58
N ILE A 328 27.11 -16.36 -2.88
CA ILE A 328 27.69 -17.68 -3.03
C ILE A 328 28.41 -17.81 -4.37
N TRP A 329 29.68 -18.20 -4.31
CA TRP A 329 30.56 -18.26 -5.48
C TRP A 329 30.61 -16.92 -6.20
N SER A 330 30.54 -15.85 -5.42
CA SER A 330 30.55 -14.51 -6.00
C SER A 330 31.54 -13.63 -5.26
N SER A 331 32.07 -12.62 -5.96
CA SER A 331 32.95 -11.65 -5.34
C SER A 331 32.32 -10.27 -5.28
N ASP A 332 31.07 -10.18 -5.72
CA ASP A 332 30.31 -8.93 -5.68
C ASP A 332 30.35 -8.31 -4.28
N LYS A 333 30.59 -7.01 -4.21
CA LYS A 333 30.58 -6.33 -2.91
C LYS A 333 29.15 -5.91 -2.56
N ILE A 334 28.72 -6.29 -1.36
CA ILE A 334 27.38 -5.91 -0.92
C ILE A 334 27.50 -4.94 0.23
N VAL A 335 26.78 -3.83 0.13
CA VAL A 335 26.89 -2.71 1.05
C VAL A 335 25.52 -2.28 1.59
N ASN A 336 25.48 -1.86 2.85
CA ASN A 336 24.29 -1.20 3.38
C ASN A 336 24.13 0.22 2.81
N TYR A 337 22.95 0.49 2.24
CA TYR A 337 22.68 1.80 1.63
C TYR A 337 22.63 2.91 2.68
N ASN A 338 23.57 3.84 2.59
CA ASN A 338 23.70 4.91 3.58
C ASN A 338 22.96 6.18 3.21
N GLY A 339 22.66 6.34 1.93
CA GLY A 339 21.99 7.53 1.45
C GLY A 339 22.68 8.04 0.21
N VAL A 340 23.94 7.63 0.05
CA VAL A 340 24.71 7.94 -1.14
C VAL A 340 24.97 6.66 -1.93
N PRO A 341 24.35 6.52 -3.11
CA PRO A 341 24.52 5.36 -4.00
C PRO A 341 25.98 5.08 -4.34
N GLN A 342 26.50 3.92 -3.96
CA GLN A 342 27.86 3.55 -4.33
C GLN A 342 27.89 2.71 -5.62
N ILE A 343 28.44 3.30 -6.66
CA ILE A 343 28.58 2.63 -7.96
C ILE A 343 29.46 1.39 -7.85
N GLY A 344 29.16 0.38 -8.68
CA GLY A 344 29.96 -0.83 -8.72
C GLY A 344 29.66 -1.84 -7.62
N LYS A 345 28.86 -1.45 -6.63
CA LYS A 345 28.55 -2.35 -5.51
C LYS A 345 27.04 -2.46 -5.32
N TRP A 346 26.61 -3.50 -4.63
CA TRP A 346 25.20 -3.68 -4.33
C TRP A 346 24.78 -2.81 -3.14
N ASN A 347 23.90 -1.86 -3.41
CA ASN A 347 23.35 -1.03 -2.35
C ASN A 347 22.11 -1.71 -1.75
N SER A 348 22.32 -2.47 -0.67
CA SER A 348 21.25 -3.24 -0.03
C SER A 348 20.31 -2.35 0.78
N MET A 349 19.06 -2.27 0.32
CA MET A 349 18.09 -1.37 0.93
C MET A 349 17.53 -1.97 2.20
N PRO A 350 16.98 -1.12 3.09
CA PRO A 350 16.29 -1.59 4.29
C PRO A 350 15.22 -2.62 3.97
N LEU A 351 15.08 -3.62 4.84
CA LEU A 351 14.23 -4.78 4.59
C LEU A 351 12.75 -4.42 4.42
N LEU A 352 12.15 -4.91 3.34
CA LEU A 352 10.72 -4.79 3.14
C LEU A 352 10.04 -5.90 3.93
N ASP A 353 9.74 -5.63 5.19
CA ASP A 353 9.17 -6.65 6.07
C ASP A 353 7.65 -6.72 5.98
N THR A 354 7.13 -7.95 6.05
CA THR A 354 5.70 -8.28 5.85
C THR A 354 5.22 -8.00 4.44
N ILE A 355 6.17 -7.91 3.51
CA ILE A 355 5.87 -7.83 2.09
C ILE A 355 6.08 -9.22 1.46
N ASP A 356 5.03 -9.87 0.97
CA ASP A 356 5.30 -11.17 0.35
C ASP A 356 5.68 -10.99 -1.13
N HIS A 357 5.92 -12.10 -1.81
CA HIS A 357 6.51 -12.05 -3.15
C HIS A 357 5.67 -11.30 -4.18
N MET A 358 4.36 -11.53 -4.18
CA MET A 358 3.50 -10.85 -5.16
C MET A 358 3.18 -9.43 -4.72
N ASP A 359 3.21 -9.18 -3.40
CA ASP A 359 3.08 -7.84 -2.87
C ASP A 359 4.07 -6.92 -3.58
N ALA A 360 5.26 -7.45 -3.81
CA ALA A 360 6.41 -6.65 -4.20
C ALA A 360 6.24 -6.08 -5.59
N CYS A 361 5.46 -6.75 -6.44
CA CYS A 361 5.21 -6.21 -7.78
C CYS A 361 3.80 -5.66 -7.86
N GLY A 362 3.09 -5.57 -6.74
CA GLY A 362 1.87 -4.79 -6.68
C GLY A 362 0.55 -5.52 -6.50
N ILE A 363 0.63 -6.81 -6.20
CA ILE A 363 -0.54 -7.66 -6.08
C ILE A 363 -0.61 -8.26 -4.67
N GLY A 364 -1.62 -7.87 -3.90
CA GLY A 364 -1.77 -8.46 -2.58
C GLY A 364 -2.26 -7.52 -1.51
N THR A 365 -2.41 -8.06 -0.30
CA THR A 365 -2.95 -7.30 0.81
C THR A 365 -1.95 -6.31 1.40
N ASN A 366 -0.70 -6.38 0.94
CA ASN A 366 0.30 -5.42 1.40
C ASN A 366 1.16 -4.90 0.25
N ALA A 367 0.53 -4.71 -0.91
CA ALA A 367 1.23 -4.37 -2.14
C ALA A 367 2.01 -3.06 -2.04
N LEU A 368 3.25 -3.09 -2.53
CA LEU A 368 4.02 -1.86 -2.78
C LEU A 368 3.21 -0.98 -3.70
N THR A 369 3.11 0.30 -3.37
CA THR A 369 2.18 1.19 -4.07
C THR A 369 2.74 1.83 -5.34
N LEU A 370 1.85 2.44 -6.11
CA LEU A 370 2.24 3.25 -7.25
C LEU A 370 3.19 4.34 -6.76
N SER A 371 2.84 4.91 -5.63
CA SER A 371 3.63 5.97 -5.04
C SER A 371 5.02 5.45 -4.65
N TRP A 372 5.09 4.20 -4.18
CA TRP A 372 6.39 3.62 -3.84
C TRP A 372 7.31 3.51 -5.08
N TYR A 373 6.75 3.03 -6.18
CA TYR A 373 7.49 2.92 -7.43
C TYR A 373 7.83 4.29 -8.02
N LYS A 374 6.96 5.27 -7.81
CA LYS A 374 7.27 6.64 -8.20
C LYS A 374 8.51 7.11 -7.45
N GLY A 375 8.55 6.82 -6.15
CA GLY A 375 9.70 7.14 -5.33
C GLY A 375 10.97 6.50 -5.85
N LEU A 376 10.88 5.26 -6.28
CA LEU A 376 12.03 4.57 -6.84
C LEU A 376 12.51 5.25 -8.12
N ALA A 377 11.58 5.54 -9.03
CA ALA A 377 11.93 6.21 -10.28
C ALA A 377 12.62 7.57 -10.04
N GLU A 378 12.12 8.33 -9.07
CA GLU A 378 12.74 9.61 -8.70
C GLU A 378 14.18 9.40 -8.29
N LYS A 379 14.42 8.39 -7.45
CA LYS A 379 15.75 8.10 -6.97
C LYS A 379 16.66 7.77 -8.17
N LEU A 380 16.14 6.97 -9.08
CA LEU A 380 16.90 6.53 -10.24
C LEU A 380 17.21 7.69 -11.18
N SER A 381 16.37 8.71 -11.16
CA SER A 381 16.55 9.84 -12.04
C SER A 381 17.40 10.91 -11.38
N GLN A 382 17.78 10.67 -10.13
CA GLN A 382 18.65 11.61 -9.42
C GLN A 382 20.10 11.16 -9.48
N LEU A 383 20.33 9.95 -10.01
CA LEU A 383 21.67 9.41 -10.19
C LEU A 383 22.40 10.24 -11.23
N THR A 384 23.63 10.65 -10.92
CA THR A 384 24.40 11.51 -11.81
C THR A 384 25.19 10.73 -12.85
N ILE A 385 25.41 11.34 -14.00
CA ILE A 385 26.19 10.73 -15.07
C ILE A 385 27.69 10.85 -14.78
N MET B 1 -5.00 -12.46 25.04
CA MET B 1 -4.37 -11.25 25.55
C MET B 1 -5.36 -10.09 25.56
N ASN B 2 -6.32 -10.15 24.65
CA ASN B 2 -7.27 -9.07 24.40
C ASN B 2 -8.23 -9.49 23.31
N SER B 3 -9.52 -9.30 23.51
CA SER B 3 -10.50 -9.63 22.47
C SER B 3 -11.54 -8.55 22.28
N TYR B 4 -11.28 -7.39 22.83
CA TYR B 4 -12.12 -6.22 22.61
C TYR B 4 -12.24 -5.96 21.10
N PRO B 5 -13.46 -5.66 20.64
CA PRO B 5 -13.63 -5.32 19.23
C PRO B 5 -13.10 -3.93 18.92
N ILE B 6 -12.93 -3.66 17.62
CA ILE B 6 -12.50 -2.36 17.13
C ILE B 6 -13.70 -1.62 16.55
N VAL B 7 -13.84 -0.36 16.93
CA VAL B 7 -14.86 0.49 16.33
C VAL B 7 -14.19 1.61 15.54
N LEU B 8 -14.55 1.71 14.28
CA LEU B 8 -13.91 2.62 13.37
C LEU B 8 -14.66 3.93 13.30
N VAL B 9 -13.94 5.03 13.40
CA VAL B 9 -14.55 6.34 13.50
C VAL B 9 -14.02 7.31 12.43
N HIS B 10 -14.81 7.54 11.40
CA HIS B 10 -14.43 8.47 10.33
C HIS B 10 -14.27 9.91 10.83
N GLY B 11 -13.60 10.73 10.02
CA GLY B 11 -13.34 12.11 10.39
C GLY B 11 -14.18 13.15 9.65
N PHE B 12 -13.53 14.27 9.34
CA PHE B 12 -14.15 15.39 8.62
C PHE B 12 -14.64 14.94 7.22
N MET B 13 -15.92 15.15 6.94
CA MET B 13 -16.56 14.76 5.68
C MET B 13 -16.64 13.24 5.45
N GLY B 14 -16.33 12.46 6.47
CA GLY B 14 -16.44 11.01 6.37
C GLY B 14 -17.87 10.52 6.18
N TRP B 15 -18.02 9.31 5.65
CA TRP B 15 -19.34 8.77 5.32
C TRP B 15 -19.47 7.31 5.75
N GLY B 16 -20.72 6.87 5.98
CA GLY B 16 -21.00 5.54 6.49
C GLY B 16 -21.18 4.52 5.39
N ARG B 17 -21.27 3.24 5.77
CA ARG B 17 -21.25 2.14 4.82
C ARG B 17 -22.44 2.13 3.90
N ASN B 18 -23.54 2.77 4.32
CA ASN B 18 -24.74 2.85 3.50
C ASN B 18 -24.75 4.09 2.60
N GLU B 19 -23.65 4.82 2.60
CA GLU B 19 -23.50 6.00 1.77
C GLU B 19 -22.38 5.76 0.78
N VAL B 20 -22.38 6.53 -0.31
CA VAL B 20 -21.33 6.46 -1.32
C VAL B 20 -21.07 5.03 -1.75
N LEU B 21 -22.01 4.44 -2.48
CA LEU B 21 -21.86 3.07 -2.98
C LEU B 21 -20.57 2.90 -3.77
N GLY B 22 -19.87 1.80 -3.51
CA GLY B 22 -18.70 1.47 -4.28
C GLY B 22 -17.41 1.96 -3.67
N LEU B 23 -17.50 2.77 -2.63
CA LEU B 23 -16.31 3.25 -1.97
C LEU B 23 -16.50 3.35 -0.46
N LYS B 24 -15.84 2.45 0.26
CA LYS B 24 -15.81 2.50 1.71
C LYS B 24 -14.81 3.55 2.15
N TYR B 25 -15.20 4.36 3.12
CA TYR B 25 -14.27 5.29 3.75
C TYR B 25 -13.07 4.54 4.29
N TRP B 26 -13.33 3.41 4.92
CA TRP B 26 -12.26 2.58 5.46
C TRP B 26 -11.88 1.50 4.45
N GLY B 27 -10.95 1.83 3.55
CA GLY B 27 -10.41 0.86 2.64
C GLY B 27 -10.64 1.14 1.17
N GLY B 28 -11.46 2.14 0.84
CA GLY B 28 -11.77 2.41 -0.55
C GLY B 28 -12.56 1.26 -1.16
N ILE B 29 -12.00 0.65 -2.21
CA ILE B 29 -12.68 -0.45 -2.88
C ILE B 29 -12.39 -1.80 -2.23
N THR B 30 -11.65 -1.77 -1.12
CA THR B 30 -11.54 -2.93 -0.23
C THR B 30 -12.35 -2.62 1.03
N ASP B 31 -13.09 -3.60 1.54
CA ASP B 31 -13.86 -3.39 2.76
C ASP B 31 -13.01 -3.80 3.95
N TYR B 32 -12.19 -2.88 4.45
CA TYR B 32 -11.25 -3.22 5.53
C TYR B 32 -11.92 -3.80 6.75
N GLU B 33 -13.06 -3.22 7.11
CA GLU B 33 -13.80 -3.68 8.27
C GLU B 33 -14.11 -5.17 8.16
N GLN B 34 -14.69 -5.57 7.04
CA GLN B 34 -15.05 -6.97 6.86
C GLN B 34 -13.84 -7.88 6.78
N GLU B 35 -12.77 -7.41 6.14
CA GLU B 35 -11.56 -8.21 6.02
C GLU B 35 -10.93 -8.44 7.39
N LEU B 36 -10.85 -7.38 8.19
CA LEU B 36 -10.35 -7.53 9.55
C LEU B 36 -11.17 -8.55 10.34
N SER B 37 -12.49 -8.48 10.24
CA SER B 37 -13.36 -9.43 10.93
C SER B 37 -13.10 -10.85 10.43
N SER B 38 -12.82 -11.01 9.14
CA SER B 38 -12.48 -12.33 8.60
C SER B 38 -11.14 -12.86 9.09
N TYR B 39 -10.22 -11.95 9.42
CA TYR B 39 -8.94 -12.36 10.01
C TYR B 39 -9.10 -12.69 11.48
N GLY B 40 -10.28 -12.42 12.05
CA GLY B 40 -10.55 -12.73 13.43
C GLY B 40 -10.55 -11.52 14.34
N TYR B 41 -10.18 -10.37 13.80
CA TYR B 41 -10.22 -9.11 14.55
C TYR B 41 -11.55 -8.43 14.30
N THR B 42 -12.49 -8.66 15.20
CA THR B 42 -13.81 -8.09 15.09
C THR B 42 -13.72 -6.58 14.97
N ALA B 43 -14.29 -6.03 13.91
CA ALA B 43 -14.30 -4.58 13.69
C ALA B 43 -15.70 -4.09 13.34
N TYR B 44 -16.07 -2.95 13.92
CA TYR B 44 -17.36 -2.33 13.63
C TYR B 44 -17.12 -0.94 13.08
N THR B 45 -18.11 -0.41 12.36
CA THR B 45 -17.95 0.90 11.75
C THR B 45 -19.00 1.85 12.24
N ALA B 46 -18.55 2.90 12.92
CA ALA B 46 -19.44 3.92 13.44
C ALA B 46 -19.63 5.06 12.45
N THR B 47 -20.79 5.68 12.49
CA THR B 47 -21.07 6.81 11.62
C THR B 47 -21.57 7.99 12.45
N VAL B 48 -20.93 9.14 12.25
CA VAL B 48 -21.32 10.36 12.93
C VAL B 48 -21.43 11.50 11.92
N GLY B 49 -21.87 12.66 12.38
CA GLY B 49 -22.05 13.79 11.48
C GLY B 49 -20.74 14.21 10.87
N PRO B 50 -20.67 14.26 9.53
CA PRO B 50 -19.45 14.64 8.81
C PRO B 50 -18.98 16.06 9.09
N VAL B 51 -19.90 16.95 9.47
CA VAL B 51 -19.51 18.33 9.77
C VAL B 51 -20.07 18.84 11.09
N SER B 52 -20.65 17.96 11.89
CA SER B 52 -21.08 18.38 13.22
C SER B 52 -19.86 18.68 14.10
N SER B 53 -20.15 19.19 15.29
CA SER B 53 -19.19 19.44 16.35
C SER B 53 -18.64 18.12 16.92
N ASN B 54 -17.49 18.19 17.59
CA ASN B 54 -16.95 17.02 18.28
C ASN B 54 -17.88 16.58 19.41
N TRP B 55 -18.46 17.56 20.10
CA TRP B 55 -19.47 17.29 21.12
C TRP B 55 -20.64 16.54 20.53
N ASP B 56 -21.17 17.05 19.43
CA ASP B 56 -22.32 16.42 18.77
C ASP B 56 -21.99 15.01 18.29
N ARG B 57 -20.82 14.85 17.67
CA ARG B 57 -20.38 13.56 17.14
C ARG B 57 -20.14 12.53 18.24
N ALA B 58 -19.57 12.98 19.34
CA ALA B 58 -19.34 12.10 20.47
C ALA B 58 -20.67 11.55 21.00
N CYS B 59 -21.69 12.39 21.06
CA CYS B 59 -23.03 11.96 21.48
C CYS B 59 -23.63 10.97 20.49
N GLU B 60 -23.48 11.27 19.21
CA GLU B 60 -23.93 10.35 18.17
C GLU B 60 -23.17 9.04 18.31
N LEU B 61 -21.89 9.16 18.64
CA LEU B 61 -21.02 8.00 18.72
C LEU B 61 -21.48 7.07 19.83
N TYR B 62 -21.76 7.64 21.00
CA TYR B 62 -22.23 6.84 22.15
C TYR B 62 -23.47 6.03 21.78
N ALA B 63 -24.48 6.71 21.27
CA ALA B 63 -25.70 6.06 20.85
C ALA B 63 -25.47 5.05 19.71
N TYR B 64 -24.61 5.39 18.76
CA TYR B 64 -24.39 4.52 17.59
C TYR B 64 -23.77 3.20 17.98
N ILE B 65 -22.81 3.25 18.91
CA ILE B 65 -22.19 2.04 19.45
C ILE B 65 -23.12 1.29 20.40
N LYS B 66 -23.47 1.94 21.51
CA LYS B 66 -24.24 1.31 22.58
C LYS B 66 -25.67 0.96 22.16
N GLY B 67 -26.29 1.86 21.41
CA GLY B 67 -27.68 1.71 21.05
C GLY B 67 -28.47 2.79 21.75
N GLY B 68 -29.57 3.20 21.13
CA GLY B 68 -30.47 4.16 21.77
C GLY B 68 -30.70 5.37 20.91
N THR B 69 -31.17 6.44 21.53
CA THR B 69 -31.45 7.69 20.86
C THR B 69 -30.35 8.69 21.21
N VAL B 70 -29.94 9.46 20.22
CA VAL B 70 -28.92 10.48 20.42
C VAL B 70 -29.42 11.57 21.34
N ASP B 71 -28.69 11.82 22.42
CA ASP B 71 -29.03 12.88 23.34
C ASP B 71 -27.88 13.88 23.39
N TYR B 72 -28.06 15.02 22.73
CA TYR B 72 -27.02 16.04 22.72
C TYR B 72 -26.94 16.74 24.08
N GLY B 73 -27.97 16.58 24.90
CA GLY B 73 -27.95 17.12 26.25
C GLY B 73 -28.90 18.27 26.45
N HIS B 74 -29.48 18.37 27.64
CA HIS B 74 -30.43 19.44 27.92
C HIS B 74 -29.77 20.81 27.87
N ALA B 75 -28.67 20.96 28.61
CA ALA B 75 -27.95 22.22 28.68
C ALA B 75 -27.33 22.61 27.34
N HIS B 76 -26.52 21.71 26.78
CA HIS B 76 -25.82 21.99 25.54
C HIS B 76 -26.76 22.42 24.42
N SER B 77 -27.83 21.65 24.22
CA SER B 77 -28.78 21.93 23.14
C SER B 77 -29.33 23.33 23.24
N THR B 78 -29.83 23.66 24.43
CA THR B 78 -30.47 24.94 24.67
C THR B 78 -29.50 26.08 24.41
N GLN B 79 -28.30 25.97 24.95
CA GLN B 79 -27.29 27.01 24.76
C GLN B 79 -26.91 27.21 23.29
N LYS B 80 -26.93 26.14 22.50
CA LYS B 80 -26.57 26.26 21.10
C LYS B 80 -27.75 26.47 20.14
N GLY B 81 -28.96 26.12 20.56
CA GLY B 81 -30.10 26.25 19.67
C GLY B 81 -30.32 25.00 18.84
N HIS B 82 -30.36 23.85 19.52
CA HIS B 82 -30.53 22.54 18.89
C HIS B 82 -31.96 22.04 18.81
N SER B 83 -32.07 20.81 18.32
CA SER B 83 -33.06 19.86 18.76
C SER B 83 -32.28 19.03 19.77
N ARG B 84 -32.81 18.84 20.98
CA ARG B 84 -32.07 18.08 21.99
C ARG B 84 -31.80 16.64 21.55
N TYR B 85 -32.80 16.03 20.92
CA TYR B 85 -32.72 14.62 20.59
C TYR B 85 -32.40 14.40 19.12
N GLY B 86 -31.52 13.42 18.86
CA GLY B 86 -31.11 13.10 17.50
C GLY B 86 -31.75 11.83 16.96
N ARG B 87 -30.97 11.04 16.22
CA ARG B 87 -31.49 9.81 15.63
C ARG B 87 -31.44 8.65 16.61
N THR B 88 -32.05 7.52 16.25
CA THR B 88 -32.02 6.34 17.11
C THR B 88 -31.37 5.16 16.40
N TYR B 89 -30.52 4.44 17.11
CA TYR B 89 -29.74 3.37 16.51
C TYR B 89 -29.92 2.01 17.17
N PRO B 90 -29.76 0.94 16.39
CA PRO B 90 -29.78 -0.42 16.93
C PRO B 90 -28.62 -0.62 17.91
N GLY B 91 -27.47 -0.06 17.58
CA GLY B 91 -26.27 -0.21 18.38
C GLY B 91 -25.34 -1.24 17.77
N LEU B 92 -24.09 -0.85 17.54
CA LEU B 92 -23.11 -1.77 16.97
C LEU B 92 -22.72 -2.84 17.95
N TYR B 93 -22.72 -2.48 19.22
CA TYR B 93 -22.20 -3.36 20.27
C TYR B 93 -22.97 -3.12 21.58
N PRO B 94 -24.24 -3.57 21.61
CA PRO B 94 -25.19 -3.32 22.71
C PRO B 94 -24.65 -3.66 24.10
N GLU B 95 -23.77 -4.64 24.18
CA GLU B 95 -23.23 -5.10 25.46
C GLU B 95 -22.00 -4.31 25.86
N TRP B 96 -21.74 -3.23 25.14
CA TRP B 96 -20.60 -2.37 25.43
C TRP B 96 -20.69 -1.93 26.89
N GLY B 97 -19.59 -2.10 27.63
CA GLY B 97 -19.53 -1.62 29.00
C GLY B 97 -20.14 -2.56 30.02
N ASN B 98 -20.89 -3.55 29.57
CA ASN B 98 -21.46 -4.56 30.47
C ASN B 98 -20.37 -5.47 31.04
N LEU B 99 -20.78 -6.40 31.88
CA LEU B 99 -19.87 -7.40 32.44
C LEU B 99 -20.27 -8.79 31.99
N THR B 100 -19.26 -9.64 31.79
CA THR B 100 -19.51 -11.02 31.42
C THR B 100 -19.90 -11.82 32.64
N THR B 101 -20.19 -13.11 32.44
CA THR B 101 -20.48 -14.02 33.56
C THR B 101 -19.37 -13.99 34.61
N GLU B 102 -18.12 -13.93 34.14
CA GLU B 102 -16.96 -13.90 35.02
C GLU B 102 -16.59 -12.47 35.41
N GLY B 103 -17.44 -11.52 35.05
CA GLY B 103 -17.33 -10.16 35.53
C GLY B 103 -16.18 -9.33 34.99
N LYS B 104 -15.77 -9.57 33.76
CA LYS B 104 -14.84 -8.67 33.08
C LYS B 104 -15.65 -7.68 32.24
N VAL B 105 -15.09 -6.50 32.01
CA VAL B 105 -15.83 -5.46 31.29
C VAL B 105 -15.66 -5.57 29.78
N ASN B 106 -16.76 -5.41 29.07
CA ASN B 106 -16.80 -5.41 27.62
C ASN B 106 -16.33 -4.09 27.03
N LYS B 107 -15.02 -3.95 26.84
CA LYS B 107 -14.47 -2.70 26.32
C LYS B 107 -14.33 -2.73 24.80
N ILE B 108 -14.02 -1.57 24.22
CA ILE B 108 -13.73 -1.49 22.78
C ILE B 108 -12.43 -0.76 22.56
N HIS B 109 -11.86 -0.96 21.36
CA HIS B 109 -10.77 -0.14 20.84
C HIS B 109 -11.34 0.88 19.88
N LEU B 110 -11.03 2.14 20.11
CA LEU B 110 -11.43 3.17 19.17
C LEU B 110 -10.29 3.47 18.20
N VAL B 111 -10.55 3.26 16.92
CA VAL B 111 -9.62 3.62 15.86
C VAL B 111 -10.24 4.73 15.01
N ALA B 112 -9.57 5.87 14.96
CA ALA B 112 -10.15 7.06 14.36
C ALA B 112 -9.23 7.72 13.33
N HIS B 113 -9.83 8.32 12.32
CA HIS B 113 -9.08 9.02 11.30
C HIS B 113 -9.50 10.48 11.31
N SER B 114 -8.55 11.37 11.06
CA SER B 114 -8.87 12.78 10.93
C SER B 114 -9.60 13.30 12.16
N MET B 115 -10.67 14.09 11.95
CA MET B 115 -11.41 14.69 13.06
C MET B 115 -11.94 13.66 14.05
N GLY B 116 -12.05 12.41 13.60
CA GLY B 116 -12.46 11.34 14.48
C GLY B 116 -11.53 11.27 15.67
N GLY B 117 -10.28 11.65 15.47
CA GLY B 117 -9.30 11.66 16.54
C GLY B 117 -9.76 12.55 17.68
N GLN B 118 -10.36 13.68 17.34
CA GLN B 118 -10.88 14.60 18.32
C GLN B 118 -12.13 14.07 18.95
N THR B 119 -13.00 13.50 18.11
CA THR B 119 -14.29 13.01 18.56
C THR B 119 -14.17 11.93 19.64
N VAL B 120 -13.25 11.00 19.45
CA VAL B 120 -13.18 9.87 20.39
C VAL B 120 -12.50 10.28 21.69
N ARG B 121 -11.62 11.27 21.63
CA ARG B 121 -11.09 11.90 22.83
C ARG B 121 -12.26 12.47 23.64
N THR B 122 -13.20 13.08 22.92
CA THR B 122 -14.33 13.72 23.55
C THR B 122 -15.29 12.67 24.11
N LEU B 123 -15.51 11.61 23.34
CA LEU B 123 -16.36 10.52 23.77
C LEU B 123 -15.93 9.97 25.12
N VAL B 124 -14.63 9.68 25.26
CA VAL B 124 -14.15 9.04 26.48
C VAL B 124 -14.20 9.99 27.67
N GLN B 125 -14.14 11.30 27.40
CA GLN B 125 -14.21 12.29 28.45
C GLN B 125 -15.59 12.24 29.12
N LEU B 126 -16.62 12.11 28.31
CA LEU B 126 -17.99 12.05 28.78
C LEU B 126 -18.26 10.71 29.47
N LEU B 127 -17.67 9.66 28.94
CA LEU B 127 -17.77 8.34 29.54
C LEU B 127 -17.26 8.38 30.98
N LYS B 128 -16.08 8.95 31.14
CA LYS B 128 -15.40 8.94 32.43
C LYS B 128 -15.98 9.93 33.42
N GLU B 129 -16.29 11.13 32.97
CA GLU B 129 -16.61 12.20 33.91
C GLU B 129 -17.89 12.94 33.60
N GLY B 130 -18.57 12.52 32.53
CA GLY B 130 -19.83 13.12 32.15
C GLY B 130 -19.75 14.63 32.08
N SER B 131 -20.89 15.29 32.23
CA SER B 131 -20.92 16.75 32.25
C SER B 131 -21.63 17.25 33.49
N GLU B 132 -20.92 18.00 34.32
CA GLU B 132 -21.53 18.55 35.53
C GLU B 132 -22.63 19.53 35.15
N GLU B 133 -22.42 20.23 34.04
CA GLU B 133 -23.40 21.16 33.50
C GLU B 133 -24.71 20.44 33.24
N GLU B 134 -24.63 19.22 32.73
CA GLU B 134 -25.81 18.48 32.34
C GLU B 134 -26.50 17.81 33.53
N ARG B 135 -25.72 17.30 34.48
CA ARG B 135 -26.25 16.61 35.65
C ARG B 135 -27.06 17.57 36.53
N ASN B 136 -26.69 18.83 36.50
CA ASN B 136 -27.41 19.86 37.22
C ASN B 136 -28.71 20.21 36.52
N THR B 137 -28.61 20.73 35.31
CA THR B 137 -29.76 21.21 34.58
C THR B 137 -30.35 20.17 33.64
N THR B 138 -31.28 19.37 34.15
CA THR B 138 -32.01 18.44 33.32
C THR B 138 -33.25 18.02 34.10
N PRO B 139 -34.42 18.14 33.48
CA PRO B 139 -35.67 17.90 34.22
C PRO B 139 -35.74 16.47 34.73
N SER B 140 -35.89 15.54 33.80
CA SER B 140 -35.70 14.12 34.10
C SER B 140 -35.25 13.47 32.81
N GLN B 141 -35.04 12.17 32.85
CA GLN B 141 -34.69 11.41 31.66
C GLN B 141 -33.39 11.96 31.06
N LEU B 142 -32.33 11.99 31.87
CA LEU B 142 -31.00 12.44 31.45
C LEU B 142 -30.24 11.33 30.69
N SER B 143 -29.44 11.71 29.68
CA SER B 143 -28.64 10.71 28.95
C SER B 143 -27.58 10.11 29.85
N SER B 144 -27.52 8.78 29.88
CA SER B 144 -26.59 8.06 30.72
C SER B 144 -25.14 8.49 30.46
N LEU B 145 -24.90 9.01 29.26
CA LEU B 145 -23.59 9.47 28.85
C LEU B 145 -22.99 10.49 29.83
N PHE B 146 -23.80 11.40 30.35
CA PHE B 146 -23.28 12.48 31.18
C PHE B 146 -23.17 12.12 32.66
N ALA B 147 -23.51 10.89 33.01
CA ALA B 147 -23.38 10.41 34.39
C ALA B 147 -21.92 10.41 34.83
N GLY B 148 -21.09 9.64 34.10
CA GLY B 148 -19.69 9.47 34.42
C GLY B 148 -19.37 8.05 34.87
N GLY B 149 -18.14 7.84 35.31
CA GLY B 149 -17.73 6.56 35.87
C GLY B 149 -17.60 5.40 34.90
N LYS B 150 -17.65 5.66 33.60
CA LYS B 150 -17.62 4.58 32.63
C LYS B 150 -16.25 4.42 31.99
N SER B 151 -15.57 3.34 32.32
CA SER B 151 -14.31 3.03 31.68
C SER B 151 -14.54 1.94 30.65
N TRP B 152 -15.02 2.35 29.48
CA TRP B 152 -15.49 1.41 28.48
C TRP B 152 -14.56 1.35 27.27
N VAL B 153 -13.48 2.11 27.34
CA VAL B 153 -12.58 2.22 26.21
C VAL B 153 -11.19 1.83 26.65
N HIS B 154 -10.58 0.94 25.89
CA HIS B 154 -9.27 0.40 26.22
C HIS B 154 -8.13 1.16 25.57
N SER B 155 -8.32 1.48 24.29
CA SER B 155 -7.30 2.20 23.55
C SER B 155 -7.89 3.19 22.57
N ILE B 156 -7.10 4.19 22.23
CA ILE B 156 -7.45 5.16 21.21
C ILE B 156 -6.31 5.28 20.20
N THR B 157 -6.62 5.00 18.93
CA THR B 157 -5.66 5.21 17.87
C THR B 157 -6.18 6.32 16.95
N THR B 158 -5.38 7.35 16.76
CA THR B 158 -5.77 8.44 15.87
C THR B 158 -4.81 8.55 14.70
N ILE B 159 -5.37 8.75 13.52
CA ILE B 159 -4.60 8.78 12.31
C ILE B 159 -4.88 10.07 11.56
N ALA B 160 -3.83 10.86 11.32
CA ALA B 160 -3.95 12.15 10.65
C ALA B 160 -4.98 13.05 11.32
N SER B 161 -4.98 13.07 12.65
CA SER B 161 -5.94 13.87 13.41
C SER B 161 -5.42 15.24 13.77
N PRO B 162 -6.31 16.26 13.72
CA PRO B 162 -5.97 17.65 14.07
C PRO B 162 -6.14 17.94 15.54
N HIS B 163 -5.20 17.46 16.35
CA HIS B 163 -5.29 17.64 17.79
C HIS B 163 -5.00 19.09 18.20
N ASP B 164 -4.34 19.82 17.30
CA ASP B 164 -4.14 21.26 17.48
C ASP B 164 -4.88 22.07 16.42
N GLY B 165 -5.73 21.40 15.65
CA GLY B 165 -6.50 22.07 14.61
C GLY B 165 -5.83 22.07 13.24
N THR B 166 -6.46 22.74 12.28
CA THR B 166 -5.93 22.88 10.93
C THR B 166 -5.98 24.30 10.44
N THR B 167 -4.93 24.75 9.75
CA THR B 167 -4.98 26.08 9.18
C THR B 167 -5.98 26.13 8.02
N LEU B 168 -6.40 24.95 7.55
CA LEU B 168 -7.44 24.88 6.54
C LEU B 168 -8.75 25.41 7.08
N ALA B 169 -9.03 25.16 8.35
CA ALA B 169 -10.28 25.63 8.94
C ALA B 169 -10.17 27.08 9.40
N ASP B 170 -8.95 27.57 9.55
CA ASP B 170 -8.72 28.96 9.94
C ASP B 170 -9.04 29.91 8.78
N GLY B 171 -8.86 29.40 7.56
CA GLY B 171 -9.12 30.14 6.35
C GLY B 171 -10.59 30.40 6.05
N ILE B 172 -11.46 29.93 6.94
CA ILE B 172 -12.90 30.19 6.89
C ILE B 172 -13.57 29.73 5.59
N ASN B 173 -13.28 30.42 4.50
CA ASN B 173 -13.94 30.15 3.22
C ASN B 173 -13.53 28.86 2.54
N ILE B 174 -12.31 28.42 2.81
CA ILE B 174 -11.81 27.27 2.11
C ILE B 174 -12.34 25.99 2.75
N PHE B 175 -12.78 26.09 3.99
CA PHE B 175 -13.47 24.98 4.66
C PHE B 175 -14.69 24.51 3.87
N GLY B 176 -15.55 25.46 3.49
CA GLY B 176 -16.72 25.14 2.70
C GLY B 176 -16.36 24.73 1.29
N ASP B 177 -15.28 25.27 0.74
CA ASP B 177 -14.85 24.88 -0.59
C ASP B 177 -14.35 23.45 -0.59
N PHE B 178 -13.61 23.09 0.46
CA PHE B 178 -13.13 21.73 0.57
C PHE B 178 -14.31 20.77 0.69
N ALA B 179 -15.30 21.12 1.51
CA ALA B 179 -16.45 20.25 1.70
C ALA B 179 -17.19 20.05 0.37
N LYS B 180 -17.56 21.15 -0.28
CA LYS B 180 -18.22 21.08 -1.57
C LYS B 180 -17.46 20.18 -2.55
N ASN B 181 -16.16 20.38 -2.64
CA ASN B 181 -15.35 19.61 -3.57
C ASN B 181 -15.17 18.14 -3.21
N LEU B 182 -15.17 17.81 -1.93
CA LEU B 182 -15.05 16.40 -1.58
C LEU B 182 -16.29 15.62 -2.05
N VAL B 183 -17.47 16.17 -1.80
CA VAL B 183 -18.70 15.53 -2.26
C VAL B 183 -18.71 15.42 -3.77
N ALA B 184 -18.36 16.51 -4.44
CA ALA B 184 -18.30 16.53 -5.90
C ALA B 184 -17.28 15.49 -6.40
N SER B 185 -16.18 15.36 -5.68
CA SER B 185 -15.14 14.40 -6.02
C SER B 185 -15.61 12.96 -5.92
N LEU B 186 -16.31 12.63 -4.84
CA LEU B 186 -16.86 11.30 -4.64
C LEU B 186 -17.86 10.95 -5.74
N ALA B 187 -18.71 11.92 -6.10
CA ALA B 187 -19.72 11.71 -7.14
C ALA B 187 -19.06 11.40 -8.46
N SER B 188 -17.96 12.09 -8.76
CA SER B 188 -17.28 11.81 -10.02
C SER B 188 -16.57 10.47 -9.99
N PHE B 189 -15.85 10.22 -8.90
CA PHE B 189 -15.02 9.03 -8.76
C PHE B 189 -15.82 7.72 -8.74
N THR B 190 -16.98 7.72 -8.08
CA THR B 190 -17.82 6.52 -8.11
C THR B 190 -18.69 6.47 -9.35
N GLY B 191 -18.92 7.62 -9.98
CA GLY B 191 -19.77 7.68 -11.15
C GLY B 191 -21.23 7.86 -10.80
N ALA B 192 -21.53 8.02 -9.51
CA ALA B 192 -22.90 8.24 -9.04
C ALA B 192 -23.48 9.56 -9.54
N GLY B 193 -22.63 10.56 -9.75
CA GLY B 193 -23.10 11.87 -10.15
C GLY B 193 -24.05 12.43 -9.12
N GLU B 194 -25.12 13.07 -9.58
CA GLU B 194 -26.10 13.70 -8.70
C GLU B 194 -26.85 12.70 -7.84
N LYS B 195 -26.70 11.41 -8.15
CA LYS B 195 -27.40 10.36 -7.43
C LYS B 195 -26.58 9.78 -6.28
N LEU B 196 -25.49 10.45 -5.93
CA LEU B 196 -24.63 9.97 -4.84
C LEU B 196 -25.35 9.92 -3.50
N ILE B 197 -25.23 8.81 -2.80
CA ILE B 197 -25.81 8.74 -1.48
C ILE B 197 -24.87 9.34 -0.45
N TYR B 198 -25.17 10.56 -0.03
CA TYR B 198 -24.38 11.27 0.96
C TYR B 198 -25.26 12.20 1.76
N ASP B 199 -25.11 12.18 3.07
CA ASP B 199 -25.98 12.97 3.94
C ASP B 199 -25.18 13.70 5.02
N PHE B 200 -25.45 15.00 5.17
CA PHE B 200 -24.67 15.81 6.10
C PHE B 200 -25.07 15.64 7.56
N LYS B 201 -26.22 15.00 7.76
CA LYS B 201 -26.71 14.66 9.08
C LYS B 201 -26.77 15.90 10.00
N LEU B 202 -27.43 16.94 9.50
CA LEU B 202 -27.59 18.15 10.28
C LEU B 202 -29.05 18.42 10.58
N ASP B 203 -29.79 17.39 10.98
CA ASP B 203 -31.22 17.56 11.24
C ASP B 203 -31.48 18.30 12.55
N GLN B 204 -30.52 18.26 13.46
CA GLN B 204 -30.65 18.98 14.74
C GLN B 204 -30.51 20.49 14.51
N TRP B 205 -30.31 20.88 13.26
CA TRP B 205 -30.33 22.28 12.86
C TRP B 205 -31.44 22.56 11.83
N GLY B 206 -32.22 21.54 11.51
CA GLY B 206 -33.25 21.66 10.50
C GLY B 206 -32.69 21.69 9.09
N LEU B 207 -31.40 21.39 8.96
CA LEU B 207 -30.78 21.41 7.65
C LEU B 207 -30.79 20.01 7.02
N ASN B 208 -31.99 19.45 6.90
CA ASN B 208 -32.13 18.14 6.26
C ASN B 208 -32.51 18.34 4.81
N ARG B 209 -32.14 17.37 3.98
CA ARG B 209 -32.38 17.46 2.56
C ARG B 209 -33.87 17.57 2.29
N LYS B 210 -34.24 18.45 1.37
CA LYS B 210 -35.64 18.56 0.95
C LYS B 210 -35.98 17.41 0.01
N SER B 211 -37.27 17.14 -0.14
CA SER B 211 -37.69 16.09 -1.06
C SER B 211 -37.43 16.50 -2.50
N GLY B 212 -36.83 15.61 -3.28
CA GLY B 212 -36.57 15.87 -4.69
C GLY B 212 -35.45 16.87 -4.92
N GLU B 213 -34.78 17.26 -3.85
CA GLU B 213 -33.67 18.21 -3.96
C GLU B 213 -32.43 17.50 -4.45
N SER B 214 -31.80 18.07 -5.47
CA SER B 214 -30.57 17.50 -6.02
C SER B 214 -29.44 17.63 -5.02
N LEU B 215 -28.47 16.74 -5.13
CA LEU B 215 -27.30 16.75 -4.25
C LEU B 215 -26.56 18.09 -4.27
N THR B 216 -26.39 18.67 -5.45
CA THR B 216 -25.69 19.95 -5.59
C THR B 216 -26.42 21.09 -4.85
N ASP B 217 -27.73 21.16 -5.02
CA ASP B 217 -28.53 22.18 -4.35
C ASP B 217 -28.56 21.99 -2.83
N TYR B 218 -28.60 20.74 -2.40
CA TYR B 218 -28.56 20.41 -0.98
C TYR B 218 -27.23 20.86 -0.37
N THR B 219 -26.13 20.50 -1.04
CA THR B 219 -24.78 20.88 -0.59
C THR B 219 -24.58 22.39 -0.50
N ASN B 220 -24.96 23.10 -1.56
CA ASN B 220 -24.90 24.55 -1.56
C ASN B 220 -25.71 25.16 -0.42
N ARG B 221 -26.93 24.66 -0.24
CA ARG B 221 -27.80 25.23 0.80
C ARG B 221 -27.24 25.00 2.21
N VAL B 222 -26.60 23.85 2.42
CA VAL B 222 -25.99 23.57 3.72
C VAL B 222 -24.84 24.52 4.04
N PHE B 223 -23.94 24.73 3.09
CA PHE B 223 -22.74 25.52 3.36
C PHE B 223 -22.89 27.00 3.05
N ASN B 224 -24.06 27.41 2.57
CA ASN B 224 -24.33 28.84 2.41
C ASN B 224 -25.25 29.32 3.52
N SER B 225 -25.44 28.46 4.51
CA SER B 225 -26.29 28.79 5.64
C SER B 225 -25.61 29.80 6.57
N ALA B 226 -26.42 30.56 7.29
CA ALA B 226 -25.91 31.57 8.22
C ALA B 226 -25.29 30.91 9.44
N ILE B 227 -25.64 29.67 9.67
CA ILE B 227 -25.23 28.94 10.87
C ILE B 227 -23.72 28.95 11.06
N TRP B 228 -22.98 28.81 9.97
CA TRP B 228 -21.52 28.68 10.03
C TRP B 228 -20.83 29.89 10.64
N ASN B 229 -21.41 31.06 10.45
CA ASN B 229 -20.81 32.29 10.97
C ASN B 229 -21.36 32.67 12.33
N SER B 230 -22.45 32.03 12.74
CA SER B 230 -23.16 32.44 13.94
C SER B 230 -22.92 31.52 15.14
N THR B 231 -22.73 30.22 14.90
CA THR B 231 -22.45 29.33 16.01
C THR B 231 -21.01 28.84 16.02
N ASN B 232 -20.57 28.32 17.16
CA ASN B 232 -19.27 27.71 17.25
C ASN B 232 -19.39 26.22 17.53
N ASP B 233 -20.55 25.67 17.18
CA ASP B 233 -20.84 24.28 17.50
C ASP B 233 -20.86 23.44 16.24
N LEU B 234 -19.97 23.80 15.32
CA LEU B 234 -19.81 23.02 14.11
C LEU B 234 -18.34 22.68 13.87
N ALA B 235 -18.11 21.79 12.91
CA ALA B 235 -16.77 21.30 12.59
C ALA B 235 -15.79 22.42 12.26
N ASN B 236 -16.28 23.45 11.58
CA ASN B 236 -15.44 24.55 11.14
C ASN B 236 -14.83 25.31 12.32
N TRP B 237 -15.49 25.29 13.47
CA TRP B 237 -14.89 25.85 14.66
C TRP B 237 -13.94 24.85 15.33
N ASP B 238 -14.41 23.62 15.57
CA ASP B 238 -13.62 22.65 16.31
C ASP B 238 -12.36 22.21 15.55
N LEU B 239 -12.41 22.30 14.22
CA LEU B 239 -11.25 21.94 13.42
C LEU B 239 -10.24 23.07 13.35
N SER B 240 -10.66 24.29 13.68
CA SER B 240 -9.76 25.42 13.61
C SER B 240 -8.73 25.35 14.73
N THR B 241 -7.63 26.09 14.57
CA THR B 241 -6.61 26.19 15.61
C THR B 241 -7.21 26.80 16.87
N ASP B 242 -8.16 27.70 16.68
CA ASP B 242 -8.80 28.43 17.78
C ASP B 242 -9.72 27.52 18.58
N GLY B 243 -10.48 26.68 17.89
CA GLY B 243 -11.40 25.77 18.57
C GLY B 243 -10.74 24.56 19.19
N ALA B 244 -9.67 24.07 18.57
CA ALA B 244 -8.96 22.89 19.06
C ALA B 244 -8.33 23.17 20.42
N ARG B 245 -7.70 24.33 20.53
CA ARG B 245 -7.17 24.80 21.81
C ARG B 245 -8.19 24.60 22.89
N VAL B 246 -9.39 25.11 22.63
CA VAL B 246 -10.49 25.10 23.59
C VAL B 246 -10.79 23.68 24.01
N LEU B 247 -10.95 22.80 23.03
CA LEU B 247 -11.21 21.40 23.30
C LEU B 247 -10.09 20.83 24.15
N ASN B 248 -8.86 21.21 23.83
CA ASN B 248 -7.67 20.69 24.52
C ASN B 248 -7.67 21.03 26.02
N GLN B 249 -8.37 22.11 26.39
CA GLN B 249 -8.44 22.53 27.79
C GLN B 249 -9.18 21.56 28.70
N TRP B 250 -10.23 20.93 28.18
CA TRP B 250 -11.08 20.09 29.02
C TRP B 250 -11.20 18.64 28.56
N VAL B 251 -10.67 18.34 27.38
CA VAL B 251 -10.61 16.96 26.93
C VAL B 251 -9.19 16.47 27.11
N LYS B 252 -8.98 15.73 28.18
CA LYS B 252 -7.66 15.38 28.67
C LYS B 252 -7.38 13.89 28.56
N ALA B 253 -6.11 13.51 28.57
CA ALA B 253 -5.72 12.12 28.49
C ALA B 253 -6.10 11.36 29.76
N GLN B 254 -6.89 10.30 29.58
CA GLN B 254 -7.29 9.45 30.69
C GLN B 254 -6.15 8.55 31.14
N SER B 255 -6.21 8.11 32.39
CA SER B 255 -5.15 7.31 32.99
C SER B 255 -5.20 5.87 32.52
N ASP B 256 -6.41 5.40 32.28
CA ASP B 256 -6.64 3.99 32.00
C ASP B 256 -6.91 3.67 30.52
N ILE B 257 -6.48 4.55 29.63
CA ILE B 257 -6.64 4.35 28.20
C ILE B 257 -5.29 4.41 27.48
N TYR B 258 -5.00 3.40 26.67
CA TYR B 258 -3.82 3.46 25.80
C TYR B 258 -4.03 4.39 24.59
N TYR B 259 -3.07 5.27 24.33
CA TYR B 259 -3.19 6.23 23.21
C TYR B 259 -2.11 6.01 22.14
N PHE B 260 -2.56 5.85 20.90
CA PHE B 260 -1.64 5.77 19.76
C PHE B 260 -1.96 6.85 18.72
N SER B 261 -0.92 7.53 18.25
CA SER B 261 -1.07 8.57 17.24
C SER B 261 -0.15 8.37 16.04
N TYR B 262 -0.72 8.35 14.85
CA TYR B 262 0.05 8.26 13.63
C TYR B 262 0.06 9.61 12.95
N SER B 263 1.21 10.04 12.44
CA SER B 263 1.27 11.34 11.77
C SER B 263 1.51 11.20 10.27
N THR B 264 0.85 12.05 9.50
CA THR B 264 0.97 11.99 8.04
C THR B 264 1.60 13.25 7.47
N CYS B 265 2.26 13.10 6.33
CA CYS B 265 2.90 14.20 5.66
C CYS B 265 3.05 13.84 4.20
N ALA B 266 2.76 14.80 3.31
CA ALA B 266 2.85 14.53 1.88
C ALA B 266 2.92 15.82 1.08
N THR B 267 3.54 15.75 -0.08
CA THR B 267 3.35 16.80 -1.05
C THR B 267 2.54 16.18 -2.17
N VAL B 268 1.34 16.68 -2.37
CA VAL B 268 0.44 16.12 -3.35
C VAL B 268 0.85 16.56 -4.75
N PRO B 269 1.08 15.60 -5.66
CA PRO B 269 1.39 15.98 -7.05
C PRO B 269 0.24 16.70 -7.73
N SER B 270 0.53 17.42 -8.83
CA SER B 270 -0.49 18.06 -9.64
C SER B 270 -1.05 17.11 -10.71
N ILE B 271 -0.34 16.01 -10.97
CA ILE B 271 -0.78 15.02 -11.96
C ILE B 271 -1.76 14.03 -11.35
N LEU B 272 -2.87 13.80 -12.04
CA LEU B 272 -3.94 12.96 -11.53
C LEU B 272 -3.90 11.51 -12.04
N THR B 273 -3.87 10.56 -11.10
CA THR B 273 -4.03 9.14 -11.40
C THR B 273 -5.50 8.78 -11.28
N SER B 274 -5.95 7.76 -12.00
CA SER B 274 -7.32 7.27 -11.88
C SER B 274 -7.58 6.55 -10.55
N ASN B 275 -6.52 6.48 -9.75
CA ASN B 275 -6.49 5.70 -8.53
C ASN B 275 -6.83 6.51 -7.28
N GLU B 276 -7.09 7.80 -7.46
CA GLU B 276 -7.30 8.72 -6.33
C GLU B 276 -8.48 9.64 -6.56
N LEU B 277 -8.94 10.30 -5.50
CA LEU B 277 -10.02 11.26 -5.59
C LEU B 277 -9.58 12.46 -6.45
N PRO B 278 -10.38 12.79 -7.48
CA PRO B 278 -10.03 13.91 -8.35
C PRO B 278 -10.63 15.24 -7.88
N HIS B 279 -9.97 16.33 -8.27
CA HIS B 279 -10.57 17.64 -8.21
C HIS B 279 -11.38 17.86 -9.51
N VAL B 280 -12.68 18.01 -9.37
CA VAL B 280 -13.56 18.01 -10.53
C VAL B 280 -13.41 19.29 -11.38
N ILE B 281 -12.78 20.33 -10.82
CA ILE B 281 -12.51 21.54 -11.59
C ILE B 281 -11.10 21.53 -12.21
N TYR B 282 -10.07 21.34 -11.39
CA TYR B 282 -8.70 21.45 -11.88
C TYR B 282 -8.17 20.19 -12.55
N MET B 283 -8.86 19.08 -12.33
CA MET B 283 -8.42 17.79 -12.85
C MET B 283 -7.04 17.42 -12.33
N THR B 284 -6.72 17.95 -11.16
CA THR B 284 -5.57 17.51 -10.39
C THR B 284 -6.08 16.51 -9.36
N PRO B 285 -5.18 15.94 -8.53
CA PRO B 285 -5.75 15.26 -7.37
C PRO B 285 -6.61 16.20 -6.52
N LEU B 286 -7.60 15.66 -5.81
CA LEU B 286 -8.45 16.49 -4.94
C LEU B 286 -7.63 17.34 -3.99
N LEU B 287 -6.64 16.73 -3.36
CA LEU B 287 -5.93 17.40 -2.29
C LEU B 287 -4.88 18.40 -2.78
N TYR B 288 -4.67 18.49 -4.10
CA TYR B 288 -3.60 19.34 -4.62
C TYR B 288 -3.69 20.82 -4.19
N PRO B 289 -4.82 21.50 -4.44
CA PRO B 289 -4.83 22.92 -4.04
C PRO B 289 -4.89 23.13 -2.52
N PHE B 290 -5.54 22.22 -1.80
CA PHE B 290 -5.63 22.35 -0.36
C PHE B 290 -4.28 22.12 0.30
N GLY B 291 -3.53 21.13 -0.17
CA GLY B 291 -2.15 20.96 0.25
C GLY B 291 -1.31 22.21 0.05
N ARG B 292 -1.43 22.86 -1.11
CA ARG B 292 -0.66 24.06 -1.40
C ARG B 292 -1.11 25.23 -0.55
N PHE B 293 -2.42 25.35 -0.34
CA PHE B 293 -2.91 26.41 0.50
C PHE B 293 -2.31 26.27 1.90
N ILE B 294 -2.42 25.08 2.50
CA ILE B 294 -1.93 24.87 3.87
C ILE B 294 -0.42 25.08 3.90
N GLY B 295 0.27 24.65 2.83
CA GLY B 295 1.71 24.79 2.75
C GLY B 295 2.22 26.22 2.56
N SER B 296 1.31 27.18 2.40
CA SER B 296 1.72 28.57 2.21
C SER B 296 1.06 29.50 3.22
N TYR B 297 0.22 28.95 4.09
CA TYR B 297 -0.48 29.81 5.03
C TYR B 297 0.32 30.02 6.31
N THR B 298 0.67 31.28 6.59
CA THR B 298 1.31 31.64 7.85
C THR B 298 0.49 32.73 8.52
N ARG B 299 0.68 32.91 9.83
CA ARG B 299 -0.05 33.94 10.54
C ARG B 299 0.59 34.31 11.87
N ASN B 300 0.70 35.61 12.10
CA ASN B 300 1.32 36.14 13.31
C ASN B 300 0.44 37.21 13.95
N GLU B 301 -0.69 36.80 14.51
CA GLU B 301 -1.61 37.74 15.15
C GLU B 301 -1.70 37.51 16.65
N GLN B 302 -1.99 38.57 17.41
CA GLN B 302 -2.11 38.44 18.86
C GLN B 302 -3.42 37.77 19.24
N GLY B 303 -3.35 36.83 20.18
CA GLY B 303 -4.54 36.15 20.64
C GLY B 303 -4.86 34.85 19.93
N ARG B 304 -4.28 34.65 18.75
CA ARG B 304 -4.51 33.41 18.04
C ARG B 304 -3.23 32.60 18.01
N VAL B 305 -3.34 31.31 17.73
CA VAL B 305 -2.17 30.47 17.59
C VAL B 305 -1.27 31.04 16.51
N ILE B 306 0.01 31.20 16.84
CA ILE B 306 0.96 31.73 15.87
C ILE B 306 1.33 30.63 14.88
N ILE B 307 1.17 30.93 13.59
CA ILE B 307 1.36 29.93 12.55
C ILE B 307 2.56 30.24 11.67
N ASP B 308 3.61 29.48 11.88
CA ASP B 308 4.91 29.72 11.27
C ASP B 308 5.32 28.55 10.40
N ASN B 309 6.56 28.58 9.94
CA ASN B 309 7.08 27.61 9.00
C ASN B 309 6.93 26.14 9.40
N SER B 310 6.91 25.88 10.70
CA SER B 310 6.77 24.52 11.20
C SER B 310 5.36 23.97 10.94
N TRP B 311 4.43 24.87 10.62
CA TRP B 311 3.05 24.48 10.34
C TRP B 311 2.78 24.15 8.88
N LYS B 312 3.70 24.51 8.00
CA LYS B 312 3.51 24.30 6.57
C LYS B 312 3.44 22.84 6.14
N PRO B 313 4.22 21.94 6.79
CA PRO B 313 4.06 20.57 6.30
C PRO B 313 2.67 20.00 6.64
N ASN B 314 2.07 19.29 5.69
CA ASN B 314 0.72 18.79 5.88
C ASN B 314 0.45 17.58 5.00
N ASP B 315 -0.74 17.01 5.15
CA ASP B 315 -1.10 15.86 4.32
C ASP B 315 -2.17 16.23 3.30
N GLY B 316 -2.37 17.53 3.09
CA GLY B 316 -3.38 17.99 2.14
C GLY B 316 -4.63 18.49 2.85
N VAL B 317 -4.82 18.06 4.10
CA VAL B 317 -5.97 18.49 4.88
C VAL B 317 -5.59 18.94 6.30
N VAL B 318 -4.59 18.29 6.90
CA VAL B 318 -4.19 18.63 8.26
C VAL B 318 -2.69 18.87 8.39
N ASN B 319 -2.31 19.95 9.07
CA ASN B 319 -0.89 20.23 9.33
C ASN B 319 -0.24 19.07 10.06
N THR B 320 0.96 18.69 9.64
CA THR B 320 1.61 17.55 10.26
C THR B 320 1.88 17.76 11.76
N ILE B 321 2.24 18.99 12.14
CA ILE B 321 2.60 19.29 13.51
C ILE B 321 1.43 19.05 14.47
N SER B 322 0.21 19.01 13.94
CA SER B 322 -0.95 18.99 14.81
C SER B 322 -1.37 17.57 15.24
N GLN B 323 -0.70 16.56 14.70
CA GLN B 323 -1.26 15.21 14.68
C GLN B 323 -0.74 14.18 15.68
N ASN B 324 0.37 14.45 16.35
CA ASN B 324 0.93 13.47 17.29
C ASN B 324 0.18 13.42 18.62
N GLY B 325 -0.60 14.46 18.88
CA GLY B 325 -1.35 14.58 20.12
C GLY B 325 -1.62 16.05 20.41
N PRO B 326 -2.57 16.34 21.31
CA PRO B 326 -2.89 17.74 21.63
C PRO B 326 -1.77 18.37 22.42
N LYS B 327 -1.24 19.49 21.93
CA LYS B 327 -0.14 20.17 22.61
C LYS B 327 -0.58 21.51 23.16
N ILE B 328 -1.31 22.25 22.33
CA ILE B 328 -1.68 23.62 22.62
C ILE B 328 -2.83 23.69 23.64
N TRP B 329 -2.61 24.42 24.73
CA TRP B 329 -3.54 24.49 25.85
C TRP B 329 -3.86 23.10 26.37
N SER B 330 -2.88 22.22 26.33
CA SER B 330 -3.08 20.85 26.79
C SER B 330 -1.94 20.43 27.72
N SER B 331 -2.25 19.52 28.63
CA SER B 331 -1.23 18.98 29.51
C SER B 331 -0.95 17.52 29.18
N ASP B 332 -1.61 17.03 28.13
CA ASP B 332 -1.40 15.67 27.69
C ASP B 332 0.09 15.38 27.48
N LYS B 333 0.54 14.23 27.96
CA LYS B 333 1.92 13.81 27.79
C LYS B 333 2.11 13.06 26.46
N ILE B 334 3.05 13.51 25.64
CA ILE B 334 3.31 12.82 24.39
C ILE B 334 4.68 12.18 24.39
N VAL B 335 4.73 10.90 23.99
CA VAL B 335 5.95 10.12 24.05
C VAL B 335 6.24 9.44 22.70
N ASN B 336 7.51 9.32 22.34
CA ASN B 336 7.90 8.49 21.20
C ASN B 336 7.76 7.00 21.52
N TYR B 337 7.06 6.27 20.65
CA TYR B 337 6.79 4.84 20.87
C TYR B 337 8.04 3.96 20.81
N ASN B 338 8.40 3.37 21.95
CA ASN B 338 9.63 2.58 22.06
C ASN B 338 9.43 1.09 21.83
N GLY B 339 8.19 0.62 21.98
CA GLY B 339 7.90 -0.80 21.83
C GLY B 339 7.02 -1.27 22.96
N VAL B 340 7.02 -0.51 24.04
CA VAL B 340 6.12 -0.79 25.15
C VAL B 340 5.08 0.30 25.26
N PRO B 341 3.83 -0.02 24.88
CA PRO B 341 2.73 0.93 25.00
C PRO B 341 2.61 1.45 26.43
N GLN B 342 2.82 2.75 26.60
CA GLN B 342 2.69 3.36 27.92
C GLN B 342 1.27 3.90 28.09
N ILE B 343 0.51 3.28 28.98
CA ILE B 343 -0.86 3.69 29.25
C ILE B 343 -0.89 5.12 29.78
N GLY B 344 -1.97 5.84 29.48
CA GLY B 344 -2.14 7.21 29.96
C GLY B 344 -1.45 8.32 29.17
N LYS B 345 -0.60 7.96 28.21
CA LYS B 345 0.13 8.95 27.42
C LYS B 345 -0.03 8.70 25.92
N TRP B 346 0.25 9.71 25.13
CA TRP B 346 0.20 9.56 23.68
C TRP B 346 1.49 8.91 23.21
N ASN B 347 1.38 7.71 22.66
CA ASN B 347 2.51 7.01 22.08
C ASN B 347 2.66 7.39 20.59
N SER B 348 3.52 8.37 20.32
CA SER B 348 3.70 8.95 18.98
C SER B 348 4.47 8.02 18.05
N MET B 349 3.77 7.52 17.04
CA MET B 349 4.34 6.56 16.12
C MET B 349 5.23 7.23 15.08
N PRO B 350 6.16 6.45 14.49
CA PRO B 350 7.01 6.94 13.40
C PRO B 350 6.19 7.58 12.30
N LEU B 351 6.72 8.64 11.69
CA LEU B 351 5.98 9.45 10.72
C LEU B 351 5.57 8.67 9.48
N LEU B 352 4.29 8.74 9.13
CA LEU B 352 3.85 8.17 7.86
C LEU B 352 4.19 9.19 6.77
N ASP B 353 5.39 9.11 6.23
CA ASP B 353 5.81 10.09 5.24
C ASP B 353 5.36 9.70 3.83
N THR B 354 5.00 10.70 3.05
CA THR B 354 4.41 10.56 1.71
C THR B 354 3.03 9.90 1.73
N ILE B 355 2.39 9.93 2.89
CA ILE B 355 1.01 9.47 3.02
C ILE B 355 0.08 10.67 3.07
N ASP B 356 -0.78 10.88 2.08
CA ASP B 356 -1.69 12.02 2.21
C ASP B 356 -2.93 11.63 2.99
N HIS B 357 -3.84 12.57 3.18
CA HIS B 357 -4.96 12.40 4.11
C HIS B 357 -5.87 11.21 3.75
N MET B 358 -6.18 11.04 2.47
CA MET B 358 -7.05 9.94 2.07
C MET B 358 -6.28 8.64 1.99
N ASP B 359 -4.98 8.73 1.74
CA ASP B 359 -4.09 7.58 1.79
C ASP B 359 -4.28 6.83 3.11
N ALA B 360 -4.47 7.59 4.20
CA ALA B 360 -4.41 7.06 5.54
C ALA B 360 -5.62 6.19 5.86
N CYS B 361 -6.75 6.43 5.18
CA CYS B 361 -7.90 5.58 5.44
C CYS B 361 -8.10 4.63 4.27
N GLY B 362 -7.17 4.63 3.32
CA GLY B 362 -7.08 3.55 2.35
C GLY B 362 -7.38 3.86 0.90
N ILE B 363 -7.49 5.14 0.59
CA ILE B 363 -7.86 5.61 -0.73
C ILE B 363 -6.73 6.46 -1.32
N GLY B 364 -6.09 6.01 -2.39
CA GLY B 364 -5.07 6.82 -3.01
C GLY B 364 -3.89 6.06 -3.57
N THR B 365 -2.96 6.79 -4.17
CA THR B 365 -1.83 6.15 -4.82
C THR B 365 -0.80 5.63 -3.82
N ASN B 366 -1.00 5.95 -2.54
CA ASN B 366 -0.11 5.46 -1.50
C ASN B 366 -0.88 4.94 -0.28
N ALA B 367 -2.03 4.33 -0.56
CA ALA B 367 -2.97 3.94 0.49
C ALA B 367 -2.35 2.98 1.52
N LEU B 368 -2.57 3.28 2.80
CA LEU B 368 -2.28 2.31 3.86
C LEU B 368 -3.02 1.05 3.54
N THR B 369 -2.35 -0.09 3.68
CA THR B 369 -2.90 -1.35 3.21
C THR B 369 -3.80 -2.08 4.20
N LEU B 370 -4.52 -3.07 3.68
CA LEU B 370 -5.30 -3.97 4.53
C LEU B 370 -4.38 -4.60 5.57
N SER B 371 -3.20 -5.00 5.10
CA SER B 371 -2.19 -5.63 5.92
C SER B 371 -1.69 -4.69 7.01
N TRP B 372 -1.57 -3.41 6.67
CA TRP B 372 -1.14 -2.41 7.65
C TRP B 372 -2.12 -2.31 8.81
N TYR B 373 -3.42 -2.29 8.48
CA TYR B 373 -4.49 -2.27 9.46
C TYR B 373 -4.60 -3.57 10.25
N LYS B 374 -4.30 -4.70 9.59
CA LYS B 374 -4.23 -5.97 10.29
C LYS B 374 -3.14 -5.89 11.35
N GLY B 375 -2.00 -5.31 10.98
CA GLY B 375 -0.91 -5.11 11.91
C GLY B 375 -1.32 -4.28 13.11
N LEU B 376 -2.09 -3.22 12.87
CA LEU B 376 -2.56 -2.37 13.95
C LEU B 376 -3.47 -3.15 14.90
N ALA B 377 -4.45 -3.86 14.36
CA ALA B 377 -5.36 -4.66 15.19
C ALA B 377 -4.61 -5.68 16.04
N GLU B 378 -3.61 -6.31 15.46
CA GLU B 378 -2.77 -7.26 16.19
C GLU B 378 -2.14 -6.59 17.40
N LYS B 379 -1.58 -5.41 17.20
CA LYS B 379 -0.96 -4.66 18.26
C LYS B 379 -2.00 -4.34 19.35
N LEU B 380 -3.18 -3.92 18.92
CA LEU B 380 -4.26 -3.53 19.84
C LEU B 380 -4.81 -4.71 20.64
N SER B 381 -4.67 -5.90 20.09
CA SER B 381 -5.16 -7.11 20.74
C SER B 381 -4.06 -7.74 21.59
N GLN B 382 -2.87 -7.14 21.58
CA GLN B 382 -1.79 -7.64 22.42
C GLN B 382 -1.73 -6.84 23.72
N LEU B 383 -2.53 -5.79 23.79
CA LEU B 383 -2.65 -5.01 25.00
C LEU B 383 -3.33 -5.87 26.07
N THR B 384 -2.76 -5.91 27.28
CA THR B 384 -3.32 -6.76 28.32
C THR B 384 -4.41 -6.07 29.15
N ILE B 385 -5.32 -6.89 29.68
CA ILE B 385 -6.46 -6.42 30.47
C ILE B 385 -6.13 -6.06 31.93
N SER B 386 -6.80 -5.02 32.44
CA SER B 386 -6.63 -4.58 33.82
C SER B 386 -7.21 -5.52 34.88
N ASN B 387 -7.35 -5.00 36.09
CA ASN B 387 -8.04 -5.70 37.17
C ASN B 387 -9.15 -4.86 37.77
#